data_8FIU
#
_entry.id   8FIU
#
_cell.length_a   156.197
_cell.length_b   156.197
_cell.length_c   56.224
_cell.angle_alpha   90.000
_cell.angle_beta   90.000
_cell.angle_gamma   120.000
#
_symmetry.space_group_name_H-M   'P 6'
#
loop_
_entity.id
_entity.type
_entity.pdbx_description
1 polymer 'HIV-1 capsid'
2 non-polymer 1,2-ETHANEDIOL
3 non-polymer N-[(1S)-1-{(3P)-3-{4-chloro-3-[(methanesulfonyl)amino]-1-methyl-1H-indazol-7-yl}-7-[(2R,6S)-2,6-dimethylmorpholin-4-yl]-4-oxo-3,4-dihydroquinazolin-2-yl}-2-(3,5-difluorophenyl)ethyl]-2-[(3bS,4aR)-3-(difluoromethyl)-5,5-difluoro-3b,4,4a,5-tetrahydro-1H-cyclopropa[3,4]cyclopenta[1,2-c]pyrazol-1-yl]acetamide
4 water water
#
_entity_poly.entity_id   1
_entity_poly.type   'polypeptide(L)'
_entity_poly.pdbx_seq_one_letter_code
;MPIVQNLQGQMVHQCISPRTLNAWVKVVEEKAFSPEVIPMFSALSCGATPQDLNTMLNTVGGHQAAMQMLKETINEEAAE
WDRLHPVHAGPIAPGQMREPRGSDIAGTTSTLQEQIGWMTHNPPIPVGEIYKRWIILGLNKIVRMYSPTSILDIRQGPKE
PFRDYVDRFYKTLRAEQASQEVKNAATETLLVQNANPDCKTILKALGPGATLEEMMTACQGVGGPGHKARVL
;
_entity_poly.pdbx_strand_id   A,B,C
#
loop_
_chem_comp.id
_chem_comp.type
_chem_comp.name
_chem_comp.formula
EDO non-polymer 1,2-ETHANEDIOL 'C2 H6 O2'
Y05 non-polymer N-[(1S)-1-{(3P)-3-{4-chloro-3-[(methanesulfonyl)amino]-1-methyl-1H-indazol-7-yl}-7-[(2R,6S)-2,6-dimethylmorpholin-4-yl]-4-oxo-3,4-dihydroquinazolin-2-yl}-2-(3,5-difluorophenyl)ethyl]-2-[(3bS,4aR)-3-(difluoromethyl)-5,5-difluoro-3b,4,4a,5-tetrahydro-1H-cyclopropa[3,4]cyclopenta[1,2-c]pyrazol-1-yl]acetamide 'C41 H38 Cl F6 N9 O5 S'
#
# COMPACT_ATOMS: atom_id res chain seq x y z
N PRO A 2 12.89 39.17 9.95
CA PRO A 2 12.45 38.28 11.08
C PRO A 2 13.26 38.59 12.31
N ILE A 3 12.85 38.02 13.43
CA ILE A 3 13.63 38.03 14.69
C ILE A 3 14.30 36.69 14.88
N VAL A 4 15.61 36.70 15.16
CA VAL A 4 16.46 35.53 15.30
C VAL A 4 17.36 35.69 16.52
N GLN A 5 17.96 34.58 16.97
CA GLN A 5 18.96 34.56 18.04
C GLN A 5 20.36 34.80 17.51
N ASN A 6 21.13 35.65 18.20
CA ASN A 6 22.56 35.79 17.91
C ASN A 6 23.37 35.04 18.94
N LEU A 7 24.69 35.06 18.74
CA LEU A 7 25.61 34.27 19.56
C LEU A 7 25.63 34.73 21.01
N GLN A 8 25.42 36.03 21.26
CA GLN A 8 25.29 36.52 22.63
C GLN A 8 23.97 36.09 23.28
N GLY A 9 23.16 35.26 22.60
CA GLY A 9 21.88 34.81 23.09
C GLY A 9 20.76 35.80 22.94
N GLN A 10 20.99 36.92 22.28
CA GLN A 10 19.98 37.96 22.20
C GLN A 10 19.10 37.74 20.96
N MET A 11 17.83 38.12 21.09
CA MET A 11 16.91 38.13 19.98
C MET A 11 17.07 39.45 19.28
N VAL A 12 17.29 39.40 17.98
CA VAL A 12 17.62 40.59 17.22
C VAL A 12 16.96 40.50 15.84
N HIS A 13 16.79 41.66 15.24
CA HIS A 13 16.23 41.74 13.91
C HIS A 13 17.24 41.34 12.86
N GLN A 14 16.75 40.63 11.85
CA GLN A 14 17.50 40.30 10.65
C GLN A 14 16.65 40.62 9.42
N CYS A 15 17.30 41.08 8.37
CA CYS A 15 16.56 41.44 7.18
C CYS A 15 15.95 40.17 6.57
N ILE A 16 14.74 40.29 5.98
CA ILE A 16 14.16 39.19 5.22
C ILE A 16 15.09 38.88 4.03
N SER A 17 15.27 37.59 3.74
CA SER A 17 16.24 37.20 2.72
C SER A 17 15.60 37.25 1.36
N PRO A 18 16.39 37.58 0.34
CA PRO A 18 15.88 37.41 -1.04
C PRO A 18 15.39 36.00 -1.34
N ARG A 19 16.07 34.95 -0.84
CA ARG A 19 15.60 33.59 -1.07
C ARG A 19 14.18 33.39 -0.53
N THR A 20 13.90 33.88 0.67
CA THR A 20 12.55 33.74 1.25
C THR A 20 11.53 34.49 0.42
N LEU A 21 11.86 35.72 0.08
CA LEU A 21 10.93 36.56 -0.71
C LEU A 21 10.56 35.88 -2.01
N ASN A 22 11.57 35.46 -2.75
CA ASN A 22 11.35 34.82 -4.02
C ASN A 22 10.57 33.51 -3.85
N ALA A 23 10.91 32.70 -2.83
CA ALA A 23 10.20 31.43 -2.63
C ALA A 23 8.73 31.65 -2.44
N TRP A 24 8.33 32.65 -1.65
CA TRP A 24 6.92 32.89 -1.48
C TRP A 24 6.26 33.39 -2.76
N VAL A 25 6.88 34.32 -3.47
CA VAL A 25 6.22 34.83 -4.69
C VAL A 25 6.04 33.66 -5.66
N LYS A 26 7.05 32.81 -5.75
CA LYS A 26 6.99 31.69 -6.72
C LYS A 26 5.97 30.63 -6.33
N VAL A 27 5.78 30.36 -5.04
CA VAL A 27 4.78 29.34 -4.70
CA VAL A 27 4.77 29.35 -4.67
C VAL A 27 3.38 29.82 -5.10
N VAL A 28 3.08 31.10 -4.91
CA VAL A 28 1.77 31.62 -5.36
C VAL A 28 1.69 31.60 -6.90
N GLU A 29 2.77 31.95 -7.59
CA GLU A 29 2.75 31.86 -9.06
C GLU A 29 2.45 30.46 -9.52
N GLU A 30 2.99 29.47 -8.84
CA GLU A 30 2.92 28.09 -9.32
C GLU A 30 1.65 27.36 -8.86
N LYS A 31 1.19 27.62 -7.63
CA LYS A 31 0.12 26.87 -7.00
C LYS A 31 -1.13 27.69 -6.72
N ALA A 32 -1.10 29.02 -6.89
CA ALA A 32 -2.22 29.90 -6.58
C ALA A 32 -2.64 29.59 -5.18
N PHE A 33 -3.92 29.23 -4.90
CA PHE A 33 -4.31 28.93 -3.52
C PHE A 33 -4.75 27.48 -3.34
N SER A 34 -3.99 26.57 -3.93
CA SER A 34 -4.05 25.17 -3.53
C SER A 34 -3.71 25.08 -2.03
N PRO A 35 -4.31 24.13 -1.30
CA PRO A 35 -4.11 24.08 0.15
C PRO A 35 -2.69 24.14 0.63
N GLU A 36 -1.72 23.59 -0.12
CA GLU A 36 -0.35 23.57 0.41
C GLU A 36 0.30 24.95 0.47
N VAL A 37 -0.31 25.96 -0.14
CA VAL A 37 0.19 27.34 0.00
CA VAL A 37 0.20 27.33 0.00
C VAL A 37 0.18 27.80 1.45
N ILE A 38 -0.79 27.35 2.26
CA ILE A 38 -0.89 27.85 3.62
C ILE A 38 0.29 27.36 4.47
N PRO A 39 0.59 26.05 4.54
CA PRO A 39 1.78 25.64 5.29
C PRO A 39 3.06 26.20 4.75
N MET A 40 3.14 26.44 3.45
CA MET A 40 4.32 27.09 2.86
CA MET A 40 4.34 27.05 2.91
C MET A 40 4.45 28.50 3.36
N PHE A 41 3.35 29.26 3.34
CA PHE A 41 3.38 30.60 3.87
C PHE A 41 3.84 30.61 5.32
N SER A 42 3.28 29.72 6.16
CA SER A 42 3.57 29.74 7.60
C SER A 42 5.05 29.44 7.86
N ALA A 43 5.62 28.45 7.13
CA ALA A 43 7.01 28.12 7.30
C ALA A 43 7.93 29.24 6.75
N LEU A 44 7.61 29.81 5.62
CA LEU A 44 8.46 30.84 5.06
C LEU A 44 8.42 32.12 5.90
N SER A 45 7.39 32.29 6.71
CA SER A 45 7.25 33.45 7.60
C SER A 45 7.69 33.13 9.02
N CYS A 46 8.44 32.04 9.22
CA CYS A 46 9.00 31.76 10.51
C CYS A 46 9.79 32.96 11.05
N GLY A 47 9.46 33.39 12.27
CA GLY A 47 10.14 34.53 12.90
C GLY A 47 9.76 35.90 12.38
N ALA A 48 8.78 35.99 11.49
CA ALA A 48 8.46 37.23 10.84
C ALA A 48 7.90 38.29 11.80
N THR A 49 8.31 39.52 11.59
CA THR A 49 7.60 40.67 12.14
C THR A 49 6.35 40.97 11.33
N PRO A 50 5.42 41.79 11.86
CA PRO A 50 4.33 42.30 11.02
C PRO A 50 4.79 42.97 9.75
N GLN A 51 5.89 43.74 9.82
CA GLN A 51 6.44 44.34 8.61
C GLN A 51 6.74 43.28 7.55
N ASP A 52 7.41 42.19 7.95
CA ASP A 52 7.79 41.13 7.05
C ASP A 52 6.57 40.43 6.49
N LEU A 53 5.56 40.21 7.33
CA LEU A 53 4.32 39.61 6.84
C LEU A 53 3.67 40.47 5.76
N ASN A 54 3.57 41.79 5.99
CA ASN A 54 3.03 42.70 4.96
C ASN A 54 3.87 42.67 3.69
N THR A 55 5.21 42.62 3.84
CA THR A 55 6.08 42.50 2.68
C THR A 55 5.74 41.27 1.82
N MET A 56 5.56 40.14 2.47
CA MET A 56 5.25 38.89 1.77
C MET A 56 3.92 39.01 1.05
N LEU A 57 2.87 39.53 1.74
CA LEU A 57 1.58 39.67 1.09
C LEU A 57 1.62 40.66 -0.03
N ASN A 58 2.29 41.81 0.18
CA ASN A 58 2.33 42.85 -0.85
C ASN A 58 3.05 42.43 -2.12
N THR A 59 3.93 41.42 -2.04
CA THR A 59 4.69 40.97 -3.19
C THR A 59 3.97 39.90 -4.01
N VAL A 60 2.82 39.40 -3.56
CA VAL A 60 2.00 38.50 -4.38
C VAL A 60 1.59 39.21 -5.68
N GLY A 61 1.79 38.56 -6.79
CA GLY A 61 1.38 39.10 -8.09
C GLY A 61 -0.06 38.68 -8.39
N GLY A 62 -0.88 39.67 -8.75
CA GLY A 62 -2.26 39.29 -9.05
C GLY A 62 -3.04 38.82 -7.81
N HIS A 63 -4.07 38.03 -8.06
CA HIS A 63 -4.95 37.54 -7.00
C HIS A 63 -5.39 38.65 -6.05
N GLN A 64 -5.69 39.85 -6.58
CA GLN A 64 -6.00 40.95 -5.68
C GLN A 64 -7.39 40.90 -5.07
N ALA A 65 -8.32 40.13 -5.62
CA ALA A 65 -9.60 39.89 -4.92
C ALA A 65 -9.34 39.10 -3.64
N ALA A 66 -8.51 38.09 -3.72
CA ALA A 66 -8.15 37.31 -2.53
C ALA A 66 -7.43 38.17 -1.55
N MET A 67 -6.51 39.04 -2.02
CA MET A 67 -5.81 39.89 -1.08
C MET A 67 -6.74 40.88 -0.35
N GLN A 68 -7.76 41.37 -1.02
CA GLN A 68 -8.72 42.26 -0.37
C GLN A 68 -9.54 41.47 0.64
N MET A 69 -9.92 40.23 0.29
CA MET A 69 -10.61 39.40 1.28
C MET A 69 -9.74 39.16 2.50
N LEU A 70 -8.43 38.94 2.30
CA LEU A 70 -7.51 38.79 3.41
C LEU A 70 -7.51 40.03 4.29
N LYS A 71 -7.45 41.22 3.69
CA LYS A 71 -7.47 42.44 4.49
C LYS A 71 -8.76 42.53 5.32
N GLU A 72 -9.91 42.15 4.74
CA GLU A 72 -11.16 42.18 5.50
C GLU A 72 -11.14 41.19 6.67
N THR A 73 -10.53 40.02 6.49
CA THR A 73 -10.41 39.08 7.62
C THR A 73 -9.52 39.64 8.70
N ILE A 74 -8.39 40.21 8.31
CA ILE A 74 -7.50 40.84 9.28
C ILE A 74 -8.24 41.91 10.06
N ASN A 75 -9.02 42.75 9.37
CA ASN A 75 -9.73 43.81 10.12
C ASN A 75 -10.76 43.21 11.08
N GLU A 76 -11.39 42.09 10.73
CA GLU A 76 -12.33 41.45 11.62
C GLU A 76 -11.61 40.93 12.87
N GLU A 77 -10.45 40.30 12.67
CA GLU A 77 -9.74 39.76 13.81
C GLU A 77 -9.18 40.87 14.66
N ALA A 78 -8.71 41.95 14.03
CA ALA A 78 -8.18 43.09 14.76
C ALA A 78 -9.27 43.74 15.59
N ALA A 79 -10.49 43.77 15.08
CA ALA A 79 -11.56 44.33 15.88
C ALA A 79 -11.84 43.46 17.10
N GLU A 80 -11.73 42.15 16.95
CA GLU A 80 -11.97 41.26 18.08
C GLU A 80 -10.85 41.41 19.10
N TRP A 81 -9.61 41.55 18.62
CA TRP A 81 -8.50 41.88 19.50
C TRP A 81 -8.78 43.13 20.30
N ASP A 82 -9.26 44.18 19.66
CA ASP A 82 -9.49 45.43 20.36
C ASP A 82 -10.62 45.30 21.37
N ARG A 83 -11.57 44.40 21.11
CA ARG A 83 -12.67 44.19 22.06
C ARG A 83 -12.17 43.44 23.27
N LEU A 84 -11.34 42.43 23.04
CA LEU A 84 -10.78 41.62 24.11
C LEU A 84 -9.66 42.33 24.88
N HIS A 85 -8.85 43.15 24.21
CA HIS A 85 -7.67 43.76 24.82
C HIS A 85 -7.66 45.27 24.50
N PRO A 86 -8.61 46.02 25.02
CA PRO A 86 -8.65 47.44 24.71
C PRO A 86 -7.43 48.15 25.28
N VAL A 87 -6.95 49.12 24.54
CA VAL A 87 -5.86 49.98 25.00
C VAL A 87 -6.46 51.20 25.69
N HIS A 88 -6.10 51.40 26.95
CA HIS A 88 -6.50 52.57 27.73
C HIS A 88 -6.25 53.87 26.96
N ALA A 89 -7.30 54.67 26.81
CA ALA A 89 -7.22 55.90 26.02
C ALA A 89 -6.54 57.01 26.80
N GLY A 90 -5.90 57.92 26.06
CA GLY A 90 -5.24 59.07 26.64
C GLY A 90 -3.73 58.99 26.44
N PRO A 91 -3.06 60.14 26.39
CA PRO A 91 -1.59 60.09 26.21
C PRO A 91 -0.92 59.32 27.34
N ILE A 92 0.17 58.62 27.01
CA ILE A 92 0.87 57.80 27.98
C ILE A 92 2.20 58.45 28.33
N ALA A 93 2.88 57.86 29.31
CA ALA A 93 4.14 58.42 29.79
C ALA A 93 5.09 58.56 28.61
N PRO A 94 5.62 59.75 28.36
CA PRO A 94 6.62 59.90 27.29
C PRO A 94 7.81 58.98 27.51
N GLY A 95 8.20 58.27 26.45
CA GLY A 95 9.38 57.41 26.46
C GLY A 95 9.16 55.95 26.81
N GLN A 96 7.94 55.56 27.19
CA GLN A 96 7.66 54.18 27.58
C GLN A 96 6.97 53.41 26.46
N MET A 97 7.00 52.08 26.58
CA MET A 97 6.36 51.17 25.61
C MET A 97 4.83 51.24 25.68
N ARG A 98 4.19 51.46 24.53
CA ARG A 98 2.73 51.51 24.51
C ARG A 98 2.19 50.11 24.28
N GLU A 99 0.89 49.97 24.52
CA GLU A 99 0.25 48.69 24.26
C GLU A 99 -0.22 48.59 22.82
N PRO A 100 -0.05 47.45 22.17
CA PRO A 100 -0.47 47.33 20.77
C PRO A 100 -1.97 47.10 20.66
N ARG A 101 -2.57 47.82 19.71
CA ARG A 101 -3.94 47.57 19.26
C ARG A 101 -3.89 46.73 17.98
N GLY A 102 -5.07 46.38 17.45
CA GLY A 102 -5.07 45.43 16.36
C GLY A 102 -4.32 45.92 15.14
N SER A 103 -4.47 47.22 14.81
CA SER A 103 -3.74 47.79 13.68
C SER A 103 -2.24 47.89 13.90
N ASP A 104 -1.79 47.83 15.16
CA ASP A 104 -0.37 47.71 15.47
C ASP A 104 0.12 46.32 15.15
N ILE A 105 -0.67 45.31 15.47
CA ILE A 105 -0.31 43.92 15.22
C ILE A 105 -0.23 43.68 13.73
N ALA A 106 -1.12 44.30 12.96
CA ALA A 106 -1.13 44.23 11.49
C ALA A 106 -0.05 45.07 10.84
N GLY A 107 0.74 45.82 11.60
CA GLY A 107 1.86 46.56 11.05
C GLY A 107 1.49 47.91 10.42
N THR A 108 0.21 48.34 10.51
CA THR A 108 -0.28 49.52 9.85
C THR A 108 0.02 50.78 10.65
N THR A 109 -0.10 50.72 11.98
CA THR A 109 0.03 51.88 12.83
C THR A 109 1.21 51.77 13.80
N SER A 110 2.07 50.75 13.59
CA SER A 110 3.24 50.53 14.39
C SER A 110 4.50 50.61 13.52
N THR A 111 5.56 51.10 14.13
CA THR A 111 6.88 51.08 13.48
C THR A 111 7.56 49.74 13.64
N LEU A 112 8.58 49.49 12.78
CA LEU A 112 9.41 48.31 12.99
C LEU A 112 10.00 48.28 14.40
N GLN A 113 10.51 49.44 14.85
CA GLN A 113 11.13 49.46 16.18
C GLN A 113 10.12 49.05 17.25
N GLU A 114 8.87 49.48 17.13
CA GLU A 114 7.85 49.09 18.09
C GLU A 114 7.57 47.61 18.03
N GLN A 115 7.54 47.03 16.81
CA GLN A 115 7.32 45.61 16.64
C GLN A 115 8.44 44.81 17.28
N ILE A 116 9.68 45.21 17.04
CA ILE A 116 10.83 44.56 17.66
C ILE A 116 10.71 44.64 19.18
N GLY A 117 10.35 45.82 19.68
CA GLY A 117 10.23 46.00 21.11
C GLY A 117 9.25 45.03 21.74
N TRP A 118 8.08 44.86 21.13
CA TRP A 118 7.06 43.95 21.63
C TRP A 118 7.56 42.52 21.54
N MET A 119 8.11 42.13 20.38
CA MET A 119 8.47 40.73 20.17
C MET A 119 9.63 40.27 21.04
N THR A 120 10.52 41.18 21.46
CA THR A 120 11.66 40.84 22.31
C THR A 120 11.50 41.29 23.76
N HIS A 121 10.34 41.83 24.12
CA HIS A 121 10.08 42.20 25.50
C HIS A 121 10.12 40.96 26.41
N ASN A 122 10.26 41.22 27.69
CA ASN A 122 10.26 40.12 28.66
C ASN A 122 9.18 40.38 29.70
N PRO A 123 8.01 39.72 29.62
CA PRO A 123 7.61 38.70 28.64
C PRO A 123 7.26 39.26 27.26
N PRO A 124 7.44 38.47 26.21
CA PRO A 124 7.18 38.99 24.84
C PRO A 124 5.71 39.14 24.54
N ILE A 125 5.42 40.10 23.67
CA ILE A 125 4.09 40.25 23.12
C ILE A 125 4.28 39.83 21.66
N PRO A 126 3.83 38.62 21.27
CA PRO A 126 4.32 38.04 20.01
C PRO A 126 3.51 38.51 18.83
N VAL A 127 3.63 39.80 18.51
CA VAL A 127 2.73 40.40 17.52
C VAL A 127 2.89 39.77 16.15
N GLY A 128 4.08 39.24 15.82
CA GLY A 128 4.22 38.55 14.56
C GLY A 128 3.39 37.29 14.50
N GLU A 129 3.39 36.51 15.60
CA GLU A 129 2.63 35.28 15.63
C GLU A 129 1.13 35.55 15.67
N ILE A 130 0.70 36.59 16.37
CA ILE A 130 -0.72 36.92 16.41
C ILE A 130 -1.17 37.33 15.01
N TYR A 131 -0.43 38.20 14.35
CA TYR A 131 -0.82 38.60 12.99
C TYR A 131 -0.81 37.41 12.04
N LYS A 132 0.17 36.54 12.19
CA LYS A 132 0.24 35.37 11.30
C LYS A 132 -1.00 34.49 11.45
N ARG A 133 -1.51 34.32 12.69
CA ARG A 133 -2.70 33.54 12.91
C ARG A 133 -3.88 34.13 12.15
N TRP A 134 -4.01 35.47 12.19
CA TRP A 134 -5.06 36.16 11.44
C TRP A 134 -4.94 35.91 9.94
N ILE A 135 -3.72 36.03 9.41
CA ILE A 135 -3.48 35.84 7.99
C ILE A 135 -3.84 34.42 7.59
N ILE A 136 -3.43 33.41 8.38
CA ILE A 136 -3.74 32.02 8.11
C ILE A 136 -5.24 31.77 8.11
N LEU A 137 -5.99 32.39 9.05
CA LEU A 137 -7.44 32.30 9.02
C LEU A 137 -7.99 32.85 7.69
N GLY A 138 -7.40 33.94 7.21
CA GLY A 138 -7.87 34.50 5.95
C GLY A 138 -7.51 33.63 4.77
N LEU A 139 -6.31 33.07 4.76
CA LEU A 139 -5.94 32.17 3.69
C LEU A 139 -6.79 30.90 3.66
N ASN A 140 -7.16 30.37 4.84
CA ASN A 140 -8.09 29.22 4.89
C ASN A 140 -9.38 29.53 4.16
N LYS A 141 -9.91 30.75 4.35
CA LYS A 141 -11.13 31.13 3.66
C LYS A 141 -10.90 31.19 2.17
N ILE A 142 -9.75 31.76 1.76
CA ILE A 142 -9.43 31.87 0.33
C ILE A 142 -9.29 30.51 -0.32
N VAL A 143 -8.61 29.57 0.35
CA VAL A 143 -8.45 28.23 -0.23
C VAL A 143 -9.78 27.56 -0.45
N ARG A 144 -10.74 27.74 0.50
CA ARG A 144 -12.07 27.15 0.34
C ARG A 144 -12.77 27.78 -0.85
N MET A 145 -12.63 29.10 -0.97
CA MET A 145 -13.28 29.80 -2.08
CA MET A 145 -13.27 29.84 -2.08
C MET A 145 -12.70 29.43 -3.43
N TYR A 146 -11.37 29.26 -3.53
CA TYR A 146 -10.74 28.91 -4.80
C TYR A 146 -10.96 27.44 -5.20
N SER A 147 -11.44 26.60 -4.29
CA SER A 147 -11.56 25.18 -4.61
C SER A 147 -12.62 25.03 -5.70
N PRO A 148 -12.34 24.33 -6.80
CA PRO A 148 -13.33 24.27 -7.88
C PRO A 148 -14.37 23.16 -7.71
N THR A 149 -14.21 22.30 -6.71
CA THR A 149 -15.12 21.18 -6.52
C THR A 149 -15.62 21.13 -5.08
N SER A 150 -16.88 20.71 -4.93
CA SER A 150 -17.46 20.40 -3.64
C SER A 150 -17.30 18.90 -3.36
N ILE A 151 -17.08 18.57 -2.09
CA ILE A 151 -16.86 17.16 -1.73
C ILE A 151 -18.08 16.30 -2.08
N LEU A 152 -19.28 16.89 -2.14
CA LEU A 152 -20.45 16.14 -2.57
C LEU A 152 -20.41 15.70 -4.02
N ASP A 153 -19.61 16.35 -4.85
CA ASP A 153 -19.58 15.99 -6.26
C ASP A 153 -18.42 15.05 -6.64
N ILE A 154 -17.66 14.56 -5.66
CA ILE A 154 -16.56 13.64 -5.94
C ILE A 154 -17.08 12.22 -5.89
N ARG A 155 -17.20 11.59 -7.04
CA ARG A 155 -17.76 10.25 -7.16
C ARG A 155 -16.87 9.47 -8.13
N GLN A 156 -16.64 8.20 -7.83
CA GLN A 156 -15.67 7.41 -8.59
C GLN A 156 -16.23 7.15 -9.99
N GLY A 157 -15.38 7.34 -11.01
CA GLY A 157 -15.77 7.04 -12.36
C GLY A 157 -15.81 5.53 -12.58
N PRO A 158 -16.51 5.08 -13.61
CA PRO A 158 -16.63 3.64 -13.82
C PRO A 158 -15.32 2.98 -14.22
N LYS A 159 -14.41 3.73 -14.84
CA LYS A 159 -13.10 3.21 -15.24
C LYS A 159 -11.98 3.84 -14.40
N GLU A 160 -12.34 4.50 -13.27
CA GLU A 160 -11.37 5.26 -12.53
C GLU A 160 -10.72 4.38 -11.46
N PRO A 161 -9.39 4.29 -11.44
CA PRO A 161 -8.73 3.56 -10.35
C PRO A 161 -9.17 4.08 -9.01
N PHE A 162 -9.39 3.15 -8.06
CA PHE A 162 -9.79 3.59 -6.72
C PHE A 162 -8.80 4.61 -6.14
N ARG A 163 -7.49 4.41 -6.32
CA ARG A 163 -6.53 5.35 -5.73
C ARG A 163 -6.69 6.76 -6.30
N ASP A 164 -7.00 6.85 -7.59
CA ASP A 164 -7.23 8.16 -8.22
C ASP A 164 -8.48 8.82 -7.65
N TYR A 165 -9.52 8.05 -7.41
CA TYR A 165 -10.71 8.60 -6.76
C TYR A 165 -10.42 9.06 -5.35
N VAL A 166 -9.66 8.26 -4.57
CA VAL A 166 -9.39 8.68 -3.21
C VAL A 166 -8.50 9.92 -3.19
N ASP A 167 -7.59 10.01 -4.16
CA ASP A 167 -6.79 11.22 -4.30
C ASP A 167 -7.66 12.45 -4.53
N ARG A 168 -8.65 12.35 -5.43
CA ARG A 168 -9.55 13.46 -5.69
C ARG A 168 -10.37 13.79 -4.46
N PHE A 169 -10.81 12.77 -3.75
CA PHE A 169 -11.64 12.99 -2.58
C PHE A 169 -10.89 13.79 -1.54
N TYR A 170 -9.72 13.34 -1.16
CA TYR A 170 -8.98 14.05 -0.11
C TYR A 170 -8.34 15.37 -0.59
N LYS A 171 -8.00 15.53 -1.88
CA LYS A 171 -7.63 16.85 -2.43
C LYS A 171 -8.74 17.86 -2.19
N THR A 172 -9.99 17.46 -2.46
CA THR A 172 -11.13 18.35 -2.27
C THR A 172 -11.40 18.61 -0.79
N LEU A 173 -11.34 17.56 0.03
CA LEU A 173 -11.62 17.72 1.44
C LEU A 173 -10.59 18.61 2.10
N ARG A 174 -9.32 18.47 1.68
CA ARG A 174 -8.24 19.30 2.18
C ARG A 174 -8.54 20.80 2.01
N ALA A 175 -9.22 21.19 0.94
CA ALA A 175 -9.48 22.61 0.73
C ALA A 175 -10.71 23.11 1.48
N GLU A 176 -11.59 22.22 1.91
CA GLU A 176 -12.77 22.69 2.63
C GLU A 176 -12.32 23.32 3.95
N GLN A 177 -13.16 24.26 4.48
CA GLN A 177 -12.87 24.92 5.74
C GLN A 177 -13.80 24.31 6.77
N ALA A 178 -13.24 23.46 7.65
CA ALA A 178 -14.07 22.68 8.57
C ALA A 178 -13.13 21.99 9.53
N SER A 179 -13.64 21.73 10.74
CA SER A 179 -12.89 20.97 11.71
C SER A 179 -12.57 19.59 11.18
N GLN A 180 -11.53 18.96 11.78
CA GLN A 180 -11.23 17.58 11.38
C GLN A 180 -12.39 16.64 11.70
N GLU A 181 -13.13 16.93 12.77
CA GLU A 181 -14.29 16.11 13.11
C GLU A 181 -15.32 16.16 11.99
N VAL A 182 -15.56 17.34 11.44
CA VAL A 182 -16.52 17.44 10.36
C VAL A 182 -15.97 16.77 9.10
N LYS A 183 -14.67 16.96 8.82
CA LYS A 183 -14.10 16.39 7.62
C LYS A 183 -14.09 14.87 7.68
N ASN A 184 -13.78 14.31 8.82
CA ASN A 184 -13.70 12.86 8.87
C ASN A 184 -15.11 12.25 8.88
N ALA A 185 -16.12 12.98 9.38
CA ALA A 185 -17.51 12.56 9.23
C ALA A 185 -17.94 12.57 7.77
N ALA A 186 -17.42 13.53 6.99
CA ALA A 186 -17.74 13.55 5.58
C ALA A 186 -17.20 12.31 4.90
N THR A 187 -16.02 11.89 5.27
CA THR A 187 -15.45 10.67 4.72
C THR A 187 -16.33 9.46 5.09
N GLU A 188 -16.67 9.32 6.36
CA GLU A 188 -17.52 8.18 6.77
C GLU A 188 -18.83 8.16 5.98
N THR A 189 -19.39 9.34 5.66
CA THR A 189 -20.67 9.45 4.96
C THR A 189 -20.57 9.26 3.45
N LEU A 190 -19.43 9.60 2.81
CA LEU A 190 -19.35 9.73 1.36
C LEU A 190 -18.38 8.77 0.65
N LEU A 191 -17.24 8.42 1.26
CA LEU A 191 -16.15 7.84 0.46
C LEU A 191 -16.57 6.49 -0.11
N VAL A 192 -17.04 5.59 0.75
CA VAL A 192 -17.49 4.30 0.23
C VAL A 192 -18.76 4.46 -0.59
N GLN A 193 -19.71 5.29 -0.09
CA GLN A 193 -20.99 5.49 -0.75
C GLN A 193 -20.84 5.90 -2.22
N ASN A 194 -19.82 6.66 -2.52
CA ASN A 194 -19.66 7.21 -3.87
C ASN A 194 -18.58 6.51 -4.66
N ALA A 195 -18.08 5.37 -4.17
CA ALA A 195 -17.29 4.50 -5.01
C ALA A 195 -18.16 3.87 -6.11
N ASN A 196 -17.50 3.36 -7.15
CA ASN A 196 -18.23 2.77 -8.23
C ASN A 196 -18.70 1.38 -7.86
N PRO A 197 -19.64 0.80 -8.61
CA PRO A 197 -20.25 -0.46 -8.16
C PRO A 197 -19.25 -1.57 -7.84
N ASP A 198 -18.27 -1.82 -8.71
CA ASP A 198 -17.33 -2.92 -8.45
C ASP A 198 -16.54 -2.67 -7.15
N CYS A 199 -16.06 -1.45 -6.97
CA CYS A 199 -15.28 -1.17 -5.76
C CYS A 199 -16.17 -1.17 -4.53
N LYS A 200 -17.39 -0.66 -4.67
CA LYS A 200 -18.26 -0.53 -3.51
C LYS A 200 -18.59 -1.91 -2.92
N THR A 201 -18.84 -2.91 -3.77
CA THR A 201 -19.14 -4.24 -3.27
C THR A 201 -17.95 -4.81 -2.50
N ILE A 202 -16.73 -4.52 -2.95
CA ILE A 202 -15.56 -5.02 -2.23
C ILE A 202 -15.37 -4.29 -0.92
N LEU A 203 -15.61 -3.00 -0.91
CA LEU A 203 -15.36 -2.22 0.30
C LEU A 203 -16.41 -2.55 1.38
N LYS A 204 -17.67 -2.70 1.00
CA LYS A 204 -18.70 -3.06 1.99
C LYS A 204 -18.36 -4.38 2.66
N ALA A 205 -17.77 -5.33 1.92
CA ALA A 205 -17.42 -6.60 2.52
C ALA A 205 -16.28 -6.49 3.54
N LEU A 206 -15.40 -5.50 3.41
CA LEU A 206 -14.35 -5.36 4.43
C LEU A 206 -14.94 -4.94 5.78
N GLY A 207 -16.05 -4.18 5.78
CA GLY A 207 -16.65 -3.67 6.99
C GLY A 207 -16.29 -2.23 7.30
N PRO A 208 -17.04 -1.60 8.21
CA PRO A 208 -16.76 -0.18 8.55
C PRO A 208 -15.45 0.00 9.33
N GLY A 209 -14.81 -1.09 9.79
CA GLY A 209 -13.53 -1.02 10.48
C GLY A 209 -12.26 -1.04 9.62
N ALA A 210 -12.39 -1.32 8.34
CA ALA A 210 -11.23 -1.41 7.47
C ALA A 210 -10.44 -0.10 7.43
N THR A 211 -9.12 -0.21 7.37
CA THR A 211 -8.25 0.96 7.19
C THR A 211 -8.21 1.36 5.71
N LEU A 212 -7.73 2.58 5.46
CA LEU A 212 -7.64 3.01 4.06
C LEU A 212 -6.66 2.15 3.30
N GLU A 213 -5.55 1.78 3.93
CA GLU A 213 -4.61 0.88 3.29
C GLU A 213 -5.31 -0.42 2.86
N GLU A 214 -6.09 -1.02 3.76
CA GLU A 214 -6.82 -2.25 3.41
C GLU A 214 -7.82 -2.01 2.28
N MET A 215 -8.50 -0.85 2.29
CA MET A 215 -9.47 -0.54 1.24
C MET A 215 -8.76 -0.40 -0.09
N MET A 216 -7.63 0.34 -0.10
CA MET A 216 -6.94 0.59 -1.36
C MET A 216 -6.27 -0.66 -1.88
N THR A 217 -5.72 -1.49 -0.99
CA THR A 217 -5.15 -2.75 -1.43
C THR A 217 -6.21 -3.67 -1.99
N ALA A 218 -7.39 -3.67 -1.37
CA ALA A 218 -8.44 -4.58 -1.82
C ALA A 218 -9.02 -4.17 -3.16
N CYS A 219 -8.97 -2.87 -3.49
CA CYS A 219 -9.54 -2.39 -4.75
C CYS A 219 -8.49 -2.24 -5.83
N GLN A 220 -7.26 -2.68 -5.57
CA GLN A 220 -6.21 -2.56 -6.58
C GLN A 220 -6.42 -3.63 -7.64
N PRO B 2 14.11 23.21 12.74
CA PRO B 2 14.82 22.09 13.37
C PRO B 2 15.53 22.57 14.62
N ILE B 3 16.08 21.67 15.38
CA ILE B 3 16.91 21.98 16.53
C ILE B 3 18.30 21.59 16.14
N VAL B 4 19.22 22.51 16.20
CA VAL B 4 20.60 22.21 15.85
C VAL B 4 21.57 22.96 16.77
N GLN B 5 22.87 22.67 16.61
CA GLN B 5 23.92 23.31 17.38
C GLN B 5 24.32 24.61 16.72
N ASN B 6 24.43 25.65 17.53
CA ASN B 6 24.92 26.91 17.01
C ASN B 6 26.45 26.86 16.94
N LEU B 7 27.06 27.96 16.51
CA LEU B 7 28.52 28.02 16.45
C LEU B 7 29.13 27.82 17.84
N GLN B 8 28.37 28.13 18.90
CA GLN B 8 28.88 28.13 20.27
C GLN B 8 28.78 26.77 20.97
N GLY B 9 27.92 25.87 20.50
CA GLY B 9 27.79 24.56 21.10
C GLY B 9 26.46 24.29 21.83
N GLN B 10 25.47 25.16 21.72
CA GLN B 10 24.20 25.00 22.42
C GLN B 10 23.11 24.60 21.43
N MET B 11 22.08 23.90 21.92
CA MET B 11 21.00 23.38 21.06
C MET B 11 19.87 24.38 21.05
N VAL B 12 19.56 24.87 19.85
CA VAL B 12 18.60 25.96 19.70
C VAL B 12 17.72 25.65 18.49
N HIS B 13 16.54 26.27 18.50
CA HIS B 13 15.62 26.16 17.39
C HIS B 13 16.04 27.10 16.25
N GLN B 14 15.90 26.61 15.04
CA GLN B 14 16.15 27.34 13.80
C GLN B 14 15.00 27.10 12.86
N CYS B 15 14.64 28.16 12.11
CA CYS B 15 13.60 28.00 11.13
C CYS B 15 14.00 27.00 10.05
N ILE B 16 13.00 26.28 9.51
CA ILE B 16 13.22 25.46 8.34
CA ILE B 16 13.22 25.46 8.33
C ILE B 16 13.62 26.35 7.17
N SER B 17 14.56 25.89 6.38
CA SER B 17 15.03 26.80 5.35
C SER B 17 14.20 26.63 4.07
N PRO B 18 14.13 27.70 3.29
CA PRO B 18 13.42 27.60 2.01
C PRO B 18 14.00 26.53 1.12
N ARG B 19 15.33 26.36 1.18
CA ARG B 19 15.98 25.32 0.38
C ARG B 19 15.49 23.95 0.75
N THR B 20 15.40 23.67 2.06
CA THR B 20 14.89 22.37 2.50
C THR B 20 13.45 22.17 2.08
N LEU B 21 12.62 23.19 2.31
CA LEU B 21 11.21 23.13 1.94
C LEU B 21 11.04 22.77 0.48
N ASN B 22 11.76 23.50 -0.38
CA ASN B 22 11.61 23.30 -1.81
C ASN B 22 12.14 21.93 -2.25
N ALA B 23 13.27 21.50 -1.70
CA ALA B 23 13.86 20.23 -2.08
C ALA B 23 12.90 19.09 -1.84
N TRP B 24 12.21 19.12 -0.68
CA TRP B 24 11.25 18.07 -0.38
C TRP B 24 10.06 18.08 -1.31
N VAL B 25 9.48 19.26 -1.55
CA VAL B 25 8.31 19.32 -2.43
C VAL B 25 8.70 18.80 -3.81
N LYS B 26 9.89 19.19 -4.29
CA LYS B 26 10.33 18.83 -5.64
C LYS B 26 10.67 17.36 -5.75
N VAL B 27 11.25 16.73 -4.71
CA VAL B 27 11.55 15.29 -4.87
C VAL B 27 10.24 14.50 -5.01
N VAL B 28 9.17 14.89 -4.30
CA VAL B 28 7.89 14.20 -4.47
C VAL B 28 7.26 14.51 -5.84
N GLU B 29 7.40 15.74 -6.33
CA GLU B 29 6.94 16.04 -7.68
C GLU B 29 7.65 15.21 -8.71
N GLU B 30 8.96 15.01 -8.54
CA GLU B 30 9.74 14.31 -9.55
C GLU B 30 9.62 12.81 -9.47
N LYS B 31 9.58 12.27 -8.28
CA LYS B 31 9.72 10.83 -8.05
C LYS B 31 8.54 10.16 -7.36
N ALA B 32 7.51 10.90 -6.97
CA ALA B 32 6.36 10.35 -6.27
C ALA B 32 6.81 9.50 -5.10
N PHE B 33 6.48 8.20 -5.05
CA PHE B 33 6.92 7.37 -3.92
C PHE B 33 7.81 6.23 -4.38
N SER B 34 8.74 6.57 -5.29
CA SER B 34 9.89 5.73 -5.57
C SER B 34 10.67 5.55 -4.26
N PRO B 35 11.30 4.38 -4.04
CA PRO B 35 11.96 4.15 -2.76
C PRO B 35 12.92 5.21 -2.31
N GLU B 36 13.70 5.82 -3.23
CA GLU B 36 14.67 6.79 -2.73
C GLU B 36 14.03 8.05 -2.14
N VAL B 37 12.73 8.26 -2.27
CA VAL B 37 12.11 9.38 -1.60
C VAL B 37 12.17 9.27 -0.07
N ILE B 38 12.20 8.07 0.51
CA ILE B 38 12.20 7.90 1.96
C ILE B 38 13.54 8.34 2.54
N PRO B 39 14.70 7.88 2.03
CA PRO B 39 15.96 8.41 2.60
C PRO B 39 16.12 9.88 2.36
N MET B 40 15.55 10.42 1.27
CA MET B 40 15.60 11.87 1.07
C MET B 40 14.79 12.58 2.13
N PHE B 41 13.59 12.10 2.43
CA PHE B 41 12.77 12.65 3.52
C PHE B 41 13.55 12.64 4.83
N SER B 42 14.15 11.50 5.15
CA SER B 42 14.79 11.37 6.46
C SER B 42 15.95 12.35 6.60
N ALA B 43 16.77 12.50 5.53
CA ALA B 43 17.87 13.44 5.57
C ALA B 43 17.42 14.92 5.59
N LEU B 44 16.42 15.24 4.78
CA LEU B 44 15.95 16.63 4.75
C LEU B 44 15.25 17.02 6.04
N SER B 45 14.77 16.07 6.83
CA SER B 45 14.19 16.32 8.13
C SER B 45 15.19 16.13 9.29
N CYS B 46 16.50 16.12 9.01
CA CYS B 46 17.49 16.11 10.07
C CYS B 46 17.21 17.19 11.09
N GLY B 47 17.12 16.78 12.35
CA GLY B 47 16.88 17.74 13.41
C GLY B 47 15.46 18.27 13.52
N ALA B 48 14.52 17.79 12.74
CA ALA B 48 13.18 18.36 12.72
C ALA B 48 12.46 18.21 14.05
N THR B 49 11.65 19.23 14.37
CA THR B 49 10.60 19.14 15.34
C THR B 49 9.34 18.51 14.74
N PRO B 50 8.41 18.02 15.56
CA PRO B 50 7.08 17.63 15.01
C PRO B 50 6.44 18.72 14.18
N GLN B 51 6.55 19.99 14.56
CA GLN B 51 6.01 21.05 13.71
C GLN B 51 6.63 20.98 12.32
N ASP B 52 7.95 20.86 12.26
CA ASP B 52 8.63 20.84 10.98
C ASP B 52 8.21 19.63 10.15
N LEU B 53 8.07 18.48 10.79
CA LEU B 53 7.64 17.28 10.07
C LEU B 53 6.25 17.46 9.46
N ASN B 54 5.32 18.08 10.23
CA ASN B 54 3.99 18.37 9.72
C ASN B 54 4.06 19.38 8.58
N THR B 55 4.93 20.38 8.71
CA THR B 55 5.12 21.32 7.59
C THR B 55 5.51 20.56 6.32
N MET B 56 6.51 19.69 6.42
CA MET B 56 7.00 18.96 5.25
C MET B 56 5.89 18.14 4.62
N LEU B 57 5.17 17.36 5.44
CA LEU B 57 4.09 16.57 4.87
C LEU B 57 2.96 17.42 4.31
N ASN B 58 2.58 18.53 5.00
CA ASN B 58 1.48 19.38 4.48
C ASN B 58 1.80 20.06 3.17
N THR B 59 3.10 20.13 2.81
CA THR B 59 3.47 20.81 1.54
C THR B 59 3.51 19.84 0.36
N VAL B 60 3.35 18.52 0.58
CA VAL B 60 3.26 17.58 -0.54
C VAL B 60 2.08 17.95 -1.43
N GLY B 61 2.30 18.06 -2.73
CA GLY B 61 1.24 18.35 -3.70
C GLY B 61 0.59 17.04 -4.14
N GLY B 62 -0.72 16.98 -4.01
CA GLY B 62 -1.42 15.75 -4.42
C GLY B 62 -1.11 14.59 -3.50
N HIS B 63 -1.31 13.40 -4.04
CA HIS B 63 -1.03 12.15 -3.30
C HIS B 63 -1.76 12.15 -1.97
N GLN B 64 -3.01 12.68 -1.97
CA GLN B 64 -3.65 12.83 -0.70
C GLN B 64 -4.23 11.52 -0.15
N ALA B 65 -4.43 10.51 -0.99
CA ALA B 65 -4.80 9.18 -0.45
C ALA B 65 -3.63 8.63 0.38
N ALA B 66 -2.42 8.77 -0.15
CA ALA B 66 -1.20 8.35 0.57
C ALA B 66 -1.08 9.09 1.89
N MET B 67 -1.35 10.40 1.86
CA MET B 67 -1.20 11.19 3.08
C MET B 67 -2.22 10.77 4.13
N GLN B 68 -3.43 10.42 3.72
CA GLN B 68 -4.40 9.90 4.69
C GLN B 68 -3.95 8.55 5.25
N MET B 69 -3.42 7.68 4.39
CA MET B 69 -2.86 6.42 4.90
C MET B 69 -1.77 6.71 5.94
N LEU B 70 -0.93 7.72 5.67
CA LEU B 70 0.12 8.11 6.62
C LEU B 70 -0.46 8.54 7.93
N LYS B 71 -1.52 9.38 7.92
CA LYS B 71 -2.18 9.78 9.16
C LYS B 71 -2.70 8.58 9.96
N GLU B 72 -3.27 7.58 9.26
CA GLU B 72 -3.77 6.40 9.92
C GLU B 72 -2.64 5.60 10.56
N THR B 73 -1.49 5.48 9.87
CA THR B 73 -0.32 4.84 10.46
C THR B 73 0.15 5.59 11.71
N ILE B 74 0.27 6.90 11.62
CA ILE B 74 0.65 7.72 12.77
C ILE B 74 -0.31 7.51 13.93
N ASN B 75 -1.60 7.43 13.65
CA ASN B 75 -2.53 7.24 14.77
C ASN B 75 -2.41 5.87 15.42
N GLU B 76 -2.06 4.84 14.64
CA GLU B 76 -1.82 3.53 15.21
C GLU B 76 -0.60 3.54 16.11
N GLU B 77 0.48 4.20 15.67
CA GLU B 77 1.71 4.22 16.46
C GLU B 77 1.50 5.04 17.73
N ALA B 78 0.77 6.16 17.59
CA ALA B 78 0.46 6.99 18.73
C ALA B 78 -0.35 6.26 19.78
N ALA B 79 -1.34 5.45 19.36
CA ALA B 79 -2.10 4.62 20.28
C ALA B 79 -1.20 3.64 21.01
N GLU B 80 -0.22 3.07 20.30
CA GLU B 80 0.70 2.15 20.95
C GLU B 80 1.59 2.88 21.94
N TRP B 81 2.03 4.08 21.57
CA TRP B 81 2.73 4.95 22.51
C TRP B 81 1.92 5.19 23.78
N ASP B 82 0.64 5.57 23.62
CA ASP B 82 -0.16 5.87 24.80
C ASP B 82 -0.37 4.64 25.67
N ARG B 83 -0.44 3.45 25.05
CA ARG B 83 -0.56 2.22 25.81
C ARG B 83 0.70 1.94 26.61
N LEU B 84 1.88 2.22 26.03
CA LEU B 84 3.16 1.98 26.72
C LEU B 84 3.52 3.09 27.70
N HIS B 85 3.12 4.33 27.44
CA HIS B 85 3.51 5.48 28.24
C HIS B 85 2.31 6.35 28.57
N PRO B 86 1.38 5.84 29.34
CA PRO B 86 0.23 6.66 29.72
C PRO B 86 0.68 7.87 30.52
N VAL B 87 -0.05 8.96 30.34
CA VAL B 87 0.29 10.24 30.96
C VAL B 87 -0.53 10.43 32.22
N HIS B 88 0.05 11.17 33.17
CA HIS B 88 -0.65 11.48 34.40
C HIS B 88 -1.89 12.31 34.09
N ALA B 89 -3.03 11.90 34.63
CA ALA B 89 -4.26 12.64 34.52
C ALA B 89 -4.35 13.66 35.64
N GLY B 90 -4.60 14.92 35.29
CA GLY B 90 -4.69 15.98 36.27
C GLY B 90 -3.83 17.17 35.92
N PRO B 91 -3.88 18.22 36.73
CA PRO B 91 -3.06 19.41 36.46
C PRO B 91 -1.60 19.15 36.77
N ILE B 92 -0.72 19.65 35.92
CA ILE B 92 0.69 19.41 36.15
C ILE B 92 1.24 20.50 37.06
N ALA B 93 2.31 20.15 37.74
CA ALA B 93 2.92 21.06 38.69
C ALA B 93 3.31 22.37 38.00
N PRO B 94 3.18 23.52 38.69
CA PRO B 94 3.50 24.78 38.02
C PRO B 94 4.94 24.84 37.58
N GLY B 95 5.14 25.29 36.34
CA GLY B 95 6.45 25.49 35.74
C GLY B 95 7.14 24.25 35.22
N GLN B 96 6.56 23.07 35.41
CA GLN B 96 7.25 21.83 35.10
C GLN B 96 6.83 21.21 33.77
N MET B 97 7.74 20.38 33.26
CA MET B 97 7.53 19.68 31.99
C MET B 97 6.46 18.60 32.14
N ARG B 98 5.49 18.60 31.25
CA ARG B 98 4.53 17.51 31.19
C ARG B 98 5.06 16.38 30.33
N GLU B 99 4.42 15.24 30.47
CA GLU B 99 4.77 14.07 29.69
C GLU B 99 4.03 14.12 28.36
N PRO B 100 4.69 13.84 27.23
CA PRO B 100 3.99 13.85 25.95
C PRO B 100 3.18 12.58 25.71
N ARG B 101 1.97 12.77 25.23
CA ARG B 101 1.20 11.68 24.66
C ARG B 101 1.45 11.59 23.15
N GLY B 102 0.80 10.61 22.55
CA GLY B 102 1.04 10.35 21.15
C GLY B 102 0.70 11.53 20.28
N SER B 103 -0.43 12.20 20.56
CA SER B 103 -0.82 13.37 19.76
C SER B 103 0.10 14.57 20.01
N ASP B 104 0.82 14.59 21.13
CA ASP B 104 1.87 15.58 21.39
C ASP B 104 3.09 15.33 20.52
N ILE B 105 3.46 14.05 20.38
CA ILE B 105 4.58 13.67 19.52
C ILE B 105 4.30 14.01 18.07
N ALA B 106 3.05 13.83 17.62
CA ALA B 106 2.64 14.14 16.25
C ALA B 106 2.43 15.64 16.02
N GLY B 107 2.57 16.47 17.06
CA GLY B 107 2.50 17.91 16.87
C GLY B 107 1.10 18.46 16.87
N THR B 108 0.10 17.62 17.15
CA THR B 108 -1.29 18.02 17.07
C THR B 108 -1.77 18.73 18.33
N THR B 109 -1.34 18.26 19.52
CA THR B 109 -1.79 18.80 20.79
C THR B 109 -0.66 19.42 21.62
N SER B 110 0.53 19.58 21.02
CA SER B 110 1.67 20.23 21.62
C SER B 110 2.02 21.53 20.88
N THR B 111 2.56 22.48 21.62
CA THR B 111 3.07 23.72 21.04
C THR B 111 4.52 23.53 20.58
N LEU B 112 5.00 24.46 19.74
CA LEU B 112 6.42 24.44 19.40
C LEU B 112 7.26 24.56 20.65
N GLN B 113 6.91 25.47 21.56
CA GLN B 113 7.73 25.61 22.75
CA GLN B 113 7.72 25.60 22.75
C GLN B 113 7.80 24.30 23.54
N GLU B 114 6.68 23.55 23.61
CA GLU B 114 6.73 22.29 24.32
C GLU B 114 7.63 21.29 23.61
N GLN B 115 7.56 21.24 22.28
CA GLN B 115 8.44 20.37 21.50
C GLN B 115 9.90 20.70 21.75
N ILE B 116 10.26 21.99 21.69
CA ILE B 116 11.65 22.38 21.99
C ILE B 116 12.03 21.93 23.40
N GLY B 117 11.14 22.10 24.37
CA GLY B 117 11.45 21.73 25.73
C GLY B 117 11.80 20.25 25.85
N TRP B 118 10.96 19.40 25.27
CA TRP B 118 11.23 17.96 25.30
C TRP B 118 12.56 17.64 24.61
N MET B 119 12.78 18.20 23.41
CA MET B 119 13.93 17.80 22.61
C MET B 119 15.23 18.29 23.18
N THR B 120 15.20 19.33 24.02
CA THR B 120 16.44 19.87 24.59
C THR B 120 16.56 19.64 26.08
N HIS B 121 15.65 18.88 26.65
CA HIS B 121 15.71 18.63 28.07
C HIS B 121 16.88 17.73 28.38
N ASN B 122 17.27 17.72 29.66
CA ASN B 122 18.32 16.82 30.15
C ASN B 122 17.76 15.85 31.18
N PRO B 123 17.48 14.60 30.82
CA PRO B 123 17.68 13.98 29.50
C PRO B 123 16.56 14.39 28.56
N PRO B 124 16.78 14.19 27.28
CA PRO B 124 15.79 14.64 26.28
C PRO B 124 14.75 13.59 26.02
N ILE B 125 13.59 14.08 25.59
CA ILE B 125 12.55 13.22 25.08
C ILE B 125 12.55 13.55 23.58
N PRO B 126 13.08 12.69 22.73
CA PRO B 126 13.36 13.07 21.33
C PRO B 126 12.12 12.94 20.45
N VAL B 127 11.16 13.83 20.69
CA VAL B 127 9.84 13.68 20.08
C VAL B 127 9.91 13.84 18.56
N GLY B 128 10.86 14.61 18.08
CA GLY B 128 11.06 14.68 16.63
C GLY B 128 11.45 13.33 16.05
N GLU B 129 12.43 12.67 16.67
CA GLU B 129 12.85 11.38 16.17
C GLU B 129 11.79 10.30 16.34
N ILE B 130 11.02 10.34 17.39
CA ILE B 130 9.95 9.35 17.56
C ILE B 130 8.89 9.53 16.48
N TYR B 131 8.47 10.77 16.26
CA TYR B 131 7.50 11.03 15.21
C TYR B 131 8.06 10.64 13.83
N LYS B 132 9.33 10.97 13.56
CA LYS B 132 9.93 10.64 12.26
C LYS B 132 9.91 9.14 12.04
N ARG B 133 10.15 8.32 13.09
CA ARG B 133 10.09 6.87 12.96
C ARG B 133 8.70 6.45 12.51
N TRP B 134 7.65 7.04 13.13
CA TRP B 134 6.28 6.68 12.75
C TRP B 134 6.02 7.07 11.31
N ILE B 135 6.50 8.26 10.91
CA ILE B 135 6.28 8.73 9.53
C ILE B 135 6.97 7.81 8.53
N ILE B 136 8.24 7.44 8.81
CA ILE B 136 8.96 6.55 7.92
C ILE B 136 8.28 5.17 7.85
N LEU B 137 7.77 4.64 8.96
CA LEU B 137 6.98 3.41 8.89
C LEU B 137 5.82 3.55 7.91
N GLY B 138 5.13 4.67 7.97
CA GLY B 138 4.02 4.90 7.05
C GLY B 138 4.43 5.09 5.62
N LEU B 139 5.50 5.86 5.39
CA LEU B 139 6.00 6.04 4.05
C LEU B 139 6.49 4.73 3.43
N ASN B 140 7.06 3.83 4.22
CA ASN B 140 7.47 2.51 3.68
C ASN B 140 6.25 1.72 3.20
N LYS B 141 5.13 1.81 3.92
CA LYS B 141 3.90 1.19 3.46
C LYS B 141 3.45 1.76 2.12
N ILE B 142 3.56 3.08 1.98
CA ILE B 142 3.15 3.75 0.75
C ILE B 142 4.03 3.32 -0.42
N VAL B 143 5.37 3.33 -0.23
CA VAL B 143 6.26 2.83 -1.24
C VAL B 143 5.86 1.45 -1.73
N ARG B 144 5.62 0.52 -0.79
CA ARG B 144 5.29 -0.83 -1.22
C ARG B 144 4.00 -0.83 -2.01
N MET B 145 3.03 -0.04 -1.57
CA MET B 145 1.74 -0.01 -2.27
C MET B 145 1.87 0.59 -3.67
N TYR B 146 2.66 1.65 -3.83
CA TYR B 146 2.82 2.30 -5.12
C TYR B 146 3.66 1.47 -6.08
N SER B 147 4.36 0.43 -5.61
CA SER B 147 5.16 -0.39 -6.49
C SER B 147 4.25 -1.09 -7.49
N PRO B 148 4.44 -0.96 -8.81
CA PRO B 148 3.43 -1.51 -9.73
C PRO B 148 3.51 -3.01 -9.98
N THR B 149 4.62 -3.68 -9.62
CA THR B 149 4.90 -5.03 -10.09
C THR B 149 5.46 -5.85 -8.93
N SER B 150 4.97 -7.08 -8.79
CA SER B 150 5.57 -8.00 -7.84
C SER B 150 6.94 -8.47 -8.33
N ILE B 151 7.84 -8.68 -7.39
CA ILE B 151 9.16 -9.22 -7.77
C ILE B 151 9.05 -10.58 -8.47
N LEU B 152 7.99 -11.33 -8.17
CA LEU B 152 7.80 -12.63 -8.86
C LEU B 152 7.60 -12.45 -10.37
N ASP B 153 7.19 -11.25 -10.80
CA ASP B 153 6.88 -10.99 -12.19
C ASP B 153 7.93 -10.17 -12.91
N ILE B 154 9.11 -9.97 -12.31
CA ILE B 154 10.24 -9.36 -12.99
C ILE B 154 11.04 -10.50 -13.59
N ARG B 155 10.90 -10.68 -14.89
CA ARG B 155 11.48 -11.82 -15.59
C ARG B 155 12.19 -11.31 -16.85
N GLN B 156 13.40 -11.81 -17.10
CA GLN B 156 14.25 -11.29 -18.17
C GLN B 156 13.67 -11.62 -19.55
N GLY B 157 13.66 -10.64 -20.45
CA GLY B 157 13.16 -10.87 -21.77
C GLY B 157 14.19 -11.60 -22.62
N PRO B 158 13.77 -12.19 -23.71
CA PRO B 158 14.73 -13.02 -24.47
C PRO B 158 15.84 -12.19 -25.08
N LYS B 159 15.59 -10.90 -25.34
CA LYS B 159 16.57 -9.99 -25.92
C LYS B 159 17.04 -8.95 -24.91
N GLU B 160 16.76 -9.14 -23.68
CA GLU B 160 16.99 -8.08 -22.72
C GLU B 160 18.39 -8.23 -22.14
N PRO B 161 19.23 -7.19 -22.17
CA PRO B 161 20.55 -7.33 -21.57
C PRO B 161 20.45 -7.66 -20.09
N PHE B 162 21.32 -8.57 -19.65
CA PHE B 162 21.25 -8.99 -18.23
C PHE B 162 21.33 -7.79 -17.28
N ARG B 163 22.21 -6.80 -17.57
CA ARG B 163 22.30 -5.66 -16.67
C ARG B 163 20.98 -4.92 -16.54
N ASP B 164 20.23 -4.78 -17.64
CA ASP B 164 18.94 -4.08 -17.61
C ASP B 164 17.93 -4.87 -16.79
N TYR B 165 17.96 -6.18 -16.92
CA TYR B 165 17.10 -7.01 -16.10
C TYR B 165 17.44 -6.88 -14.60
N VAL B 166 18.73 -7.00 -14.24
CA VAL B 166 19.13 -6.85 -12.85
C VAL B 166 18.70 -5.50 -12.29
N ASP B 167 18.84 -4.43 -13.09
CA ASP B 167 18.37 -3.11 -12.66
C ASP B 167 16.88 -3.16 -12.33
N ARG B 168 16.06 -3.79 -13.20
CA ARG B 168 14.62 -3.85 -12.95
C ARG B 168 14.34 -4.67 -11.70
N PHE B 169 15.04 -5.79 -11.55
CA PHE B 169 14.84 -6.66 -10.42
C PHE B 169 15.08 -5.98 -9.08
N TYR B 170 16.24 -5.33 -8.89
CA TYR B 170 16.56 -4.71 -7.61
C TYR B 170 15.79 -3.38 -7.39
N LYS B 171 15.45 -2.66 -8.47
CA LYS B 171 14.50 -1.53 -8.35
C LYS B 171 13.17 -2.01 -7.74
N THR B 172 12.66 -3.12 -8.22
CA THR B 172 11.41 -3.64 -7.72
C THR B 172 11.56 -4.18 -6.31
N LEU B 173 12.64 -4.94 -6.03
CA LEU B 173 12.85 -5.48 -4.69
C LEU B 173 13.01 -4.37 -3.64
N ARG B 174 13.67 -3.27 -4.00
CA ARG B 174 13.80 -2.06 -3.17
C ARG B 174 12.43 -1.65 -2.64
N ALA B 175 11.43 -1.62 -3.52
CA ALA B 175 10.13 -1.14 -3.11
C ALA B 175 9.39 -2.20 -2.34
N GLU B 176 9.52 -3.44 -2.79
CA GLU B 176 8.72 -4.53 -2.24
C GLU B 176 9.15 -4.80 -0.82
N GLN B 177 10.45 -4.66 -0.54
CA GLN B 177 10.97 -4.91 0.80
C GLN B 177 10.85 -3.72 1.74
N ALA B 178 10.40 -2.56 1.24
CA ALA B 178 10.37 -1.34 2.04
C ALA B 178 9.85 -1.56 3.44
N SER B 179 8.71 -2.25 3.56
CA SER B 179 8.05 -2.39 4.85
C SER B 179 8.03 -3.82 5.36
N ALA B 185 16.08 -12.12 1.71
CA ALA B 185 17.17 -13.07 1.70
C ALA B 185 17.14 -13.94 0.44
N ALA B 186 16.60 -15.17 0.56
CA ALA B 186 16.48 -16.07 -0.58
C ALA B 186 15.68 -15.45 -1.72
N THR B 187 14.85 -14.45 -1.43
CA THR B 187 14.10 -13.78 -2.48
C THR B 187 15.02 -13.38 -3.62
N GLU B 188 16.29 -13.07 -3.33
CA GLU B 188 17.19 -12.64 -4.39
C GLU B 188 17.57 -13.80 -5.31
N THR B 189 17.38 -15.06 -4.88
CA THR B 189 17.56 -16.24 -5.74
C THR B 189 16.58 -16.29 -6.90
N LEU B 190 15.45 -15.57 -6.80
CA LEU B 190 14.62 -15.33 -7.95
C LEU B 190 15.38 -14.73 -9.12
N LEU B 191 16.51 -14.03 -8.87
CA LEU B 191 17.21 -13.39 -9.96
C LEU B 191 17.69 -14.42 -10.99
N VAL B 192 18.27 -15.53 -10.52
CA VAL B 192 18.66 -16.58 -11.45
C VAL B 192 17.44 -17.29 -12.00
N GLN B 193 16.43 -17.58 -11.14
CA GLN B 193 15.24 -18.31 -11.57
CA GLN B 193 15.25 -18.30 -11.59
C GLN B 193 14.54 -17.60 -12.73
N ASN B 194 14.47 -16.28 -12.66
CA ASN B 194 13.71 -15.44 -13.58
C ASN B 194 14.53 -14.94 -14.77
N ALA B 195 15.78 -15.37 -14.90
CA ALA B 195 16.60 -15.02 -16.05
C ALA B 195 16.15 -15.82 -17.29
N ASN B 196 16.51 -15.31 -18.46
CA ASN B 196 16.12 -15.95 -19.70
C ASN B 196 16.92 -17.23 -19.90
N PRO B 197 16.53 -18.03 -20.87
CA PRO B 197 17.23 -19.32 -21.06
C PRO B 197 18.73 -19.17 -21.32
N ASP B 198 19.18 -18.22 -22.13
CA ASP B 198 20.61 -18.17 -22.41
C ASP B 198 21.39 -17.77 -21.16
N CYS B 199 20.91 -16.75 -20.44
CA CYS B 199 21.61 -16.38 -19.23
C CYS B 199 21.47 -17.41 -18.13
N LYS B 200 20.29 -18.04 -18.00
CA LYS B 200 20.14 -19.03 -16.96
C LYS B 200 21.12 -20.17 -17.18
N THR B 201 21.30 -20.60 -18.43
CA THR B 201 22.27 -21.64 -18.73
C THR B 201 23.67 -21.25 -18.28
N ILE B 202 24.07 -20.01 -18.54
CA ILE B 202 25.39 -19.52 -18.13
C ILE B 202 25.49 -19.43 -16.61
N LEU B 203 24.45 -18.92 -15.95
CA LEU B 203 24.49 -18.71 -14.51
C LEU B 203 24.55 -20.05 -13.78
N LYS B 204 23.85 -21.05 -14.29
CA LYS B 204 23.85 -22.37 -13.66
C LYS B 204 25.21 -23.05 -13.82
N ALA B 205 25.86 -22.91 -14.96
CA ALA B 205 27.18 -23.49 -15.13
C ALA B 205 28.24 -22.72 -14.33
N LEU B 206 28.01 -21.43 -14.09
CA LEU B 206 28.91 -20.64 -13.27
C LEU B 206 29.05 -21.25 -11.88
N GLY B 207 27.93 -21.65 -11.31
CA GLY B 207 27.90 -22.23 -10.00
C GLY B 207 27.12 -21.35 -9.05
N PRO B 208 26.88 -21.83 -7.83
CA PRO B 208 26.03 -21.11 -6.89
C PRO B 208 26.73 -20.11 -5.97
N GLY B 209 28.05 -20.13 -5.90
CA GLY B 209 28.74 -19.13 -5.11
C GLY B 209 29.07 -17.83 -5.82
N ALA B 210 28.56 -17.61 -7.01
CA ALA B 210 29.03 -16.48 -7.80
C ALA B 210 28.52 -15.17 -7.22
N THR B 211 29.36 -14.16 -7.28
CA THR B 211 28.98 -12.81 -6.91
C THR B 211 28.14 -12.21 -8.03
N LEU B 212 27.44 -11.12 -7.70
CA LEU B 212 26.68 -10.47 -8.77
C LEU B 212 27.61 -9.99 -9.86
N GLU B 213 28.76 -9.40 -9.49
CA GLU B 213 29.71 -8.97 -10.49
C GLU B 213 30.10 -10.11 -11.41
N GLU B 214 30.35 -11.28 -10.84
CA GLU B 214 30.71 -12.45 -11.66
C GLU B 214 29.58 -12.83 -12.60
N MET B 215 28.36 -12.81 -12.08
CA MET B 215 27.20 -13.12 -12.90
C MET B 215 27.02 -12.13 -14.03
N MET B 216 27.19 -10.83 -13.74
CA MET B 216 26.95 -9.83 -14.77
C MET B 216 28.03 -9.91 -15.85
N THR B 217 29.28 -10.10 -15.42
CA THR B 217 30.36 -10.28 -16.37
C THR B 217 30.10 -11.47 -17.26
N ALA B 218 29.68 -12.57 -16.68
CA ALA B 218 29.48 -13.80 -17.46
C ALA B 218 28.33 -13.67 -18.43
N CYS B 219 27.31 -12.87 -18.11
CA CYS B 219 26.19 -12.68 -19.03
C CYS B 219 26.37 -11.49 -19.97
N GLN B 220 27.56 -10.87 -20.00
CA GLN B 220 27.79 -9.80 -20.92
C GLN B 220 27.79 -10.32 -22.37
N PRO C 2 4.77 -46.23 -2.05
CA PRO C 2 4.10 -45.17 -1.26
C PRO C 2 4.72 -45.11 0.14
N ILE C 3 4.30 -44.17 1.00
CA ILE C 3 4.69 -44.12 2.39
C ILE C 3 3.46 -44.43 3.21
N VAL C 4 3.60 -45.42 4.06
CA VAL C 4 2.55 -46.02 4.88
C VAL C 4 3.00 -46.10 6.32
N GLN C 5 2.03 -46.34 7.24
CA GLN C 5 2.33 -46.51 8.66
C GLN C 5 2.56 -47.99 9.04
N ASN C 6 3.65 -48.24 9.75
CA ASN C 6 3.94 -49.56 10.31
C ASN C 6 3.48 -49.61 11.76
N LEU C 7 3.48 -50.81 12.28
CA LEU C 7 3.14 -51.11 13.66
C LEU C 7 4.41 -51.02 14.51
N GLN C 8 4.59 -49.93 15.24
CA GLN C 8 3.63 -48.87 15.52
C GLN C 8 4.19 -47.47 15.21
N GLY C 9 3.36 -46.69 14.50
CA GLY C 9 3.51 -45.25 14.44
C GLY C 9 4.60 -44.73 13.56
N GLN C 10 5.28 -45.58 12.79
CA GLN C 10 6.39 -45.13 11.96
C GLN C 10 5.89 -45.10 10.52
N MET C 11 6.12 -43.99 9.86
CA MET C 11 5.86 -43.91 8.43
C MET C 11 7.07 -44.46 7.68
N VAL C 12 6.82 -45.38 6.74
CA VAL C 12 7.91 -46.07 6.09
C VAL C 12 7.55 -46.29 4.64
N HIS C 13 8.57 -46.50 3.84
CA HIS C 13 8.36 -46.77 2.43
C HIS C 13 7.92 -48.21 2.18
N GLN C 14 6.97 -48.35 1.29
CA GLN C 14 6.46 -49.64 0.78
C GLN C 14 6.48 -49.59 -0.72
N CYS C 15 6.86 -50.72 -1.35
CA CYS C 15 6.85 -50.86 -2.78
C CYS C 15 5.42 -50.68 -3.31
N ILE C 16 5.30 -50.00 -4.45
CA ILE C 16 4.04 -49.96 -5.14
C ILE C 16 3.65 -51.39 -5.54
N SER C 17 2.31 -51.70 -5.34
CA SER C 17 1.90 -53.09 -5.59
C SER C 17 1.59 -53.34 -7.06
N PRO C 18 1.78 -54.57 -7.49
CA PRO C 18 1.36 -54.93 -8.83
C PRO C 18 -0.10 -54.66 -9.05
N ARG C 19 -0.94 -54.87 -8.03
CA ARG C 19 -2.36 -54.59 -8.22
C ARG C 19 -2.62 -53.14 -8.54
N THR C 20 -1.96 -52.23 -7.82
CA THR C 20 -2.08 -50.80 -8.08
C THR C 20 -1.60 -50.45 -9.47
N LEU C 21 -0.43 -50.97 -9.85
CA LEU C 21 0.14 -50.67 -11.16
C LEU C 21 -0.81 -51.06 -12.25
N ASN C 22 -1.34 -52.29 -12.17
CA ASN C 22 -2.20 -52.78 -13.23
C ASN C 22 -3.54 -52.05 -13.23
N ALA C 23 -4.06 -51.71 -12.05
CA ALA C 23 -5.35 -51.02 -11.99
C ALA C 23 -5.28 -49.70 -12.72
N TRP C 24 -4.21 -48.94 -12.52
CA TRP C 24 -4.08 -47.66 -13.20
C TRP C 24 -3.94 -47.85 -14.71
N VAL C 25 -3.03 -48.76 -15.16
CA VAL C 25 -2.87 -48.93 -16.61
C VAL C 25 -4.22 -49.31 -17.25
N LYS C 26 -4.96 -50.22 -16.60
CA LYS C 26 -6.21 -50.69 -17.16
C LYS C 26 -7.31 -49.62 -17.19
N VAL C 27 -7.36 -48.73 -16.20
CA VAL C 27 -8.42 -47.71 -16.22
C VAL C 27 -8.22 -46.78 -17.37
N VAL C 28 -6.96 -46.48 -17.68
CA VAL C 28 -6.71 -45.64 -18.88
C VAL C 28 -6.98 -46.39 -20.15
N GLU C 29 -6.60 -47.68 -20.23
CA GLU C 29 -7.02 -48.50 -21.35
C GLU C 29 -8.52 -48.48 -21.60
N GLU C 30 -9.30 -48.59 -20.53
CA GLU C 30 -10.72 -48.80 -20.68
C GLU C 30 -11.49 -47.51 -20.82
N LYS C 31 -11.06 -46.44 -20.14
CA LYS C 31 -11.81 -45.19 -20.07
C LYS C 31 -11.08 -43.97 -20.65
N ALA C 32 -9.84 -44.11 -21.08
CA ALA C 32 -9.06 -42.99 -21.63
C ALA C 32 -9.14 -41.86 -20.65
N PHE C 33 -9.59 -40.67 -21.08
CA PHE C 33 -9.69 -39.57 -20.10
C PHE C 33 -11.11 -39.09 -19.89
N SER C 34 -12.01 -40.03 -19.72
CA SER C 34 -13.33 -39.76 -19.13
C SER C 34 -13.09 -39.16 -17.75
N PRO C 35 -14.00 -38.31 -17.25
CA PRO C 35 -13.72 -37.62 -15.98
C PRO C 35 -13.39 -38.53 -14.82
N GLU C 36 -14.03 -39.73 -14.75
CA GLU C 36 -13.82 -40.54 -13.56
C GLU C 36 -12.40 -41.11 -13.49
N VAL C 37 -11.57 -40.94 -14.54
CA VAL C 37 -10.18 -41.36 -14.48
C VAL C 37 -9.38 -40.55 -13.46
N ILE C 38 -9.70 -39.26 -13.23
CA ILE C 38 -8.96 -38.41 -12.31
C ILE C 38 -9.15 -38.83 -10.86
N PRO C 39 -10.36 -39.05 -10.33
CA PRO C 39 -10.47 -39.56 -8.98
C PRO C 39 -9.86 -40.95 -8.84
N MET C 40 -9.87 -41.76 -9.88
CA MET C 40 -9.23 -43.06 -9.80
C MET C 40 -7.71 -42.91 -9.68
N PHE C 41 -7.10 -42.01 -10.47
CA PHE C 41 -5.68 -41.74 -10.31
C PHE C 41 -5.35 -41.30 -8.90
N SER C 42 -6.14 -40.34 -8.38
CA SER C 42 -5.85 -39.78 -7.09
C SER C 42 -5.88 -40.83 -5.99
N ALA C 43 -6.90 -41.73 -6.03
CA ALA C 43 -7.00 -42.77 -5.04
C ALA C 43 -5.95 -43.87 -5.21
N LEU C 44 -5.64 -44.25 -6.42
CA LEU C 44 -4.63 -45.28 -6.66
C LEU C 44 -3.25 -44.76 -6.25
N SER C 45 -3.05 -43.46 -6.23
CA SER C 45 -1.77 -42.86 -5.84
C SER C 45 -1.79 -42.40 -4.39
N CYS C 46 -2.68 -42.94 -3.56
CA CYS C 46 -2.69 -42.66 -2.15
C CYS C 46 -1.32 -42.97 -1.55
N GLY C 47 -0.73 -41.98 -0.88
CA GLY C 47 0.56 -42.20 -0.23
C GLY C 47 1.76 -42.12 -1.17
N ALA C 48 1.57 -41.86 -2.43
CA ALA C 48 2.63 -42.00 -3.42
C ALA C 48 3.76 -41.03 -3.17
N THR C 49 5.00 -41.51 -3.40
CA THR C 49 6.14 -40.64 -3.55
C THR C 49 6.15 -40.05 -4.97
N PRO C 50 6.96 -39.00 -5.21
CA PRO C 50 7.15 -38.55 -6.62
C PRO C 50 7.61 -39.67 -7.54
N GLN C 51 8.55 -40.51 -7.04
CA GLN C 51 8.95 -41.69 -7.82
C GLN C 51 7.76 -42.51 -8.27
N ASP C 52 6.85 -42.80 -7.35
CA ASP C 52 5.70 -43.60 -7.62
C ASP C 52 4.78 -42.92 -8.64
N LEU C 53 4.56 -41.58 -8.48
CA LEU C 53 3.74 -40.84 -9.44
C LEU C 53 4.32 -40.91 -10.86
N ASN C 54 5.65 -40.76 -10.98
CA ASN C 54 6.28 -40.88 -12.30
C ASN C 54 6.10 -42.30 -12.84
N THR C 55 6.23 -43.30 -12.00
CA THR C 55 5.97 -44.69 -12.44
C THR C 55 4.58 -44.82 -13.03
N MET C 56 3.58 -44.34 -12.32
CA MET C 56 2.22 -44.48 -12.79
C MET C 56 2.06 -43.81 -14.13
N LEU C 57 2.51 -42.56 -14.25
CA LEU C 57 2.40 -41.88 -15.55
C LEU C 57 3.20 -42.55 -16.66
N ASN C 58 4.43 -42.98 -16.38
CA ASN C 58 5.25 -43.64 -17.37
C ASN C 58 4.68 -44.95 -17.88
N THR C 59 3.81 -45.59 -17.10
CA THR C 59 3.24 -46.85 -17.53
C THR C 59 1.96 -46.69 -18.34
N VAL C 60 1.45 -45.47 -18.52
CA VAL C 60 0.32 -45.26 -19.46
C VAL C 60 0.71 -45.69 -20.85
N GLY C 61 -0.14 -46.51 -21.45
CA GLY C 61 0.01 -46.92 -22.85
C GLY C 61 -0.59 -45.90 -23.80
N GLY C 62 0.20 -45.42 -24.76
CA GLY C 62 -0.34 -44.42 -25.70
C GLY C 62 -0.64 -43.10 -25.01
N HIS C 63 -1.54 -42.33 -25.66
CA HIS C 63 -1.92 -41.00 -25.17
C HIS C 63 -0.72 -40.13 -24.87
N GLN C 64 0.30 -40.18 -25.74
CA GLN C 64 1.51 -39.46 -25.42
C GLN C 64 1.42 -37.97 -25.70
N ALA C 65 0.43 -37.53 -26.50
CA ALA C 65 0.18 -36.07 -26.60
C ALA C 65 -0.30 -35.54 -25.26
N ALA C 66 -1.23 -36.26 -24.68
CA ALA C 66 -1.70 -35.91 -23.35
C ALA C 66 -0.59 -35.90 -22.32
N MET C 67 0.30 -36.91 -22.37
CA MET C 67 1.38 -36.98 -21.40
C MET C 67 2.37 -35.83 -21.57
N GLN C 68 2.59 -35.39 -22.81
CA GLN C 68 3.41 -34.21 -23.01
C GLN C 68 2.71 -32.96 -22.49
N MET C 69 1.41 -32.83 -22.71
CA MET C 69 0.68 -31.70 -22.12
CA MET C 69 0.67 -31.71 -22.13
C MET C 69 0.83 -31.70 -20.61
N LEU C 70 0.82 -32.88 -19.99
CA LEU C 70 0.95 -33.01 -18.56
C LEU C 70 2.32 -32.50 -18.12
N LYS C 71 3.37 -32.90 -18.84
CA LYS C 71 4.69 -32.45 -18.51
C LYS C 71 4.79 -30.93 -18.58
N GLU C 72 4.15 -30.32 -19.59
CA GLU C 72 4.17 -28.86 -19.69
C GLU C 72 3.46 -28.21 -18.51
N THR C 73 2.34 -28.79 -18.08
CA THR C 73 1.67 -28.27 -16.88
C THR C 73 2.53 -28.40 -15.63
N ILE C 74 3.19 -29.54 -15.44
CA ILE C 74 4.08 -29.77 -14.31
C ILE C 74 5.19 -28.73 -14.33
N ASN C 75 5.79 -28.49 -15.49
CA ASN C 75 6.86 -27.50 -15.50
C ASN C 75 6.37 -26.10 -15.12
N GLU C 76 5.17 -25.73 -15.59
CA GLU C 76 4.58 -24.45 -15.21
C GLU C 76 4.40 -24.35 -13.70
N GLU C 77 3.86 -25.42 -13.10
CA GLU C 77 3.59 -25.37 -11.68
C GLU C 77 4.89 -25.39 -10.88
N ALA C 78 5.88 -26.10 -11.38
CA ALA C 78 7.18 -26.14 -10.71
C ALA C 78 7.85 -24.76 -10.76
N ALA C 79 7.72 -24.06 -11.90
CA ALA C 79 8.30 -22.72 -11.99
C ALA C 79 7.63 -21.79 -11.01
N GLU C 80 6.29 -21.90 -10.88
CA GLU C 80 5.60 -21.08 -9.89
C GLU C 80 6.03 -21.42 -8.46
N TRP C 81 6.14 -22.71 -8.16
CA TRP C 81 6.66 -23.13 -6.87
C TRP C 81 8.03 -22.52 -6.60
N ASP C 82 8.94 -22.60 -7.59
CA ASP C 82 10.28 -22.06 -7.40
C ASP C 82 10.27 -20.54 -7.14
N ARG C 83 9.32 -19.79 -7.71
CA ARG C 83 9.23 -18.37 -7.45
C ARG C 83 8.64 -18.07 -6.06
N LEU C 84 7.66 -18.89 -5.63
CA LEU C 84 7.10 -18.70 -4.30
C LEU C 84 8.03 -19.18 -3.18
N HIS C 85 8.86 -20.20 -3.43
CA HIS C 85 9.63 -20.92 -2.43
C HIS C 85 11.05 -21.14 -2.94
N PRO C 86 11.79 -20.07 -3.20
CA PRO C 86 13.16 -20.23 -3.67
C PRO C 86 14.03 -20.82 -2.58
N VAL C 87 15.00 -21.62 -2.99
CA VAL C 87 15.92 -22.27 -2.05
C VAL C 87 17.20 -21.47 -2.05
N HIS C 88 17.75 -21.22 -0.88
CA HIS C 88 19.04 -20.55 -0.81
C HIS C 88 20.08 -21.38 -1.56
N ALA C 89 21.03 -20.68 -2.16
CA ALA C 89 22.06 -21.33 -2.93
C ALA C 89 23.26 -21.61 -2.04
N GLY C 90 24.17 -22.42 -2.57
CA GLY C 90 25.39 -22.76 -1.88
C GLY C 90 25.40 -24.20 -1.43
N PRO C 91 26.57 -24.67 -0.99
CA PRO C 91 26.65 -26.04 -0.48
C PRO C 91 25.99 -26.14 0.89
N ILE C 92 25.20 -27.18 1.08
CA ILE C 92 24.42 -27.27 2.27
C ILE C 92 25.13 -28.13 3.30
N ALA C 93 24.75 -27.93 4.54
CA ALA C 93 25.48 -28.45 5.67
C ALA C 93 25.66 -29.97 5.60
N PRO C 94 26.82 -30.50 6.02
CA PRO C 94 26.99 -31.95 6.00
C PRO C 94 25.96 -32.65 6.88
N GLY C 95 25.29 -33.62 6.28
CA GLY C 95 24.35 -34.45 7.01
C GLY C 95 22.95 -33.90 7.10
N GLN C 96 22.70 -32.70 6.62
CA GLN C 96 21.42 -32.04 6.82
C GLN C 96 20.52 -32.16 5.60
N MET C 97 19.23 -31.99 5.86
CA MET C 97 18.20 -32.09 4.84
C MET C 97 18.22 -30.82 3.98
N ARG C 98 18.25 -30.99 2.67
CA ARG C 98 18.14 -29.84 1.78
C ARG C 98 16.70 -29.50 1.50
N GLU C 99 16.50 -28.32 0.93
CA GLU C 99 15.15 -27.91 0.59
C GLU C 99 14.80 -28.34 -0.83
N PRO C 100 13.60 -28.87 -1.04
CA PRO C 100 13.21 -29.30 -2.39
C PRO C 100 12.84 -28.13 -3.30
N ARG C 101 13.39 -28.15 -4.53
CA ARG C 101 12.94 -27.29 -5.61
C ARG C 101 11.84 -27.98 -6.43
N GLY C 102 11.29 -27.28 -7.43
CA GLY C 102 10.19 -27.87 -8.15
C GLY C 102 10.57 -29.15 -8.86
N SER C 103 11.78 -29.19 -9.42
CA SER C 103 12.21 -30.44 -10.09
C SER C 103 12.47 -31.58 -9.08
N ASP C 104 12.69 -31.28 -7.81
CA ASP C 104 12.79 -32.30 -6.76
C ASP C 104 11.42 -32.87 -6.48
N ILE C 105 10.42 -31.99 -6.43
CA ILE C 105 9.05 -32.39 -6.14
C ILE C 105 8.57 -33.31 -7.25
N ALA C 106 8.93 -33.00 -8.50
CA ALA C 106 8.55 -33.84 -9.64
C ALA C 106 9.35 -35.09 -9.78
N GLY C 107 10.32 -35.32 -8.87
CA GLY C 107 11.07 -36.57 -8.88
C GLY C 107 12.20 -36.64 -9.89
N THR C 108 12.52 -35.52 -10.57
CA THR C 108 13.50 -35.49 -11.61
C THR C 108 14.93 -35.31 -11.10
N THR C 109 15.08 -34.48 -10.08
CA THR C 109 16.40 -34.14 -9.53
C THR C 109 16.55 -34.58 -8.07
N SER C 110 15.62 -35.41 -7.58
CA SER C 110 15.66 -35.94 -6.22
C SER C 110 15.73 -37.45 -6.25
N THR C 111 16.40 -38.04 -5.25
CA THR C 111 16.41 -39.48 -5.07
C THR C 111 15.20 -39.94 -4.25
N LEU C 112 14.95 -41.24 -4.33
CA LEU C 112 13.92 -41.83 -3.48
C LEU C 112 14.23 -41.54 -2.01
N GLN C 113 15.50 -41.71 -1.59
CA GLN C 113 15.79 -41.49 -0.18
CA GLN C 113 15.83 -41.48 -0.19
C GLN C 113 15.50 -40.04 0.22
N GLU C 114 15.75 -39.08 -0.68
CA GLU C 114 15.46 -37.68 -0.36
C GLU C 114 13.95 -37.47 -0.24
N GLN C 115 13.18 -38.09 -1.11
CA GLN C 115 11.72 -37.99 -1.09
C GLN C 115 11.17 -38.55 0.21
N ILE C 116 11.65 -39.74 0.60
CA ILE C 116 11.24 -40.34 1.85
C ILE C 116 11.57 -39.38 3.01
N GLY C 117 12.78 -38.80 2.97
CA GLY C 117 13.19 -37.91 4.03
C GLY C 117 12.25 -36.73 4.20
N TRP C 118 11.85 -36.12 3.07
CA TRP C 118 10.98 -34.95 3.16
C TRP C 118 9.61 -35.37 3.65
N MET C 119 9.11 -36.48 3.09
CA MET C 119 7.73 -36.92 3.41
C MET C 119 7.59 -37.38 4.84
N THR C 120 8.67 -37.82 5.51
CA THR C 120 8.57 -38.36 6.85
C THR C 120 9.23 -37.45 7.89
N HIS C 121 9.67 -36.25 7.48
CA HIS C 121 10.25 -35.29 8.41
C HIS C 121 9.18 -34.76 9.36
N ASN C 122 9.63 -34.11 10.45
CA ASN C 122 8.68 -33.51 11.36
C ASN C 122 8.81 -31.99 11.33
N PRO C 123 7.82 -31.26 10.76
CA PRO C 123 6.59 -31.76 10.11
C PRO C 123 6.86 -32.25 8.66
N PRO C 124 6.01 -33.04 8.03
CA PRO C 124 6.32 -33.49 6.66
C PRO C 124 6.44 -32.32 5.72
N ILE C 125 7.32 -32.49 4.73
CA ILE C 125 7.35 -31.66 3.54
C ILE C 125 6.72 -32.59 2.50
N PRO C 126 5.44 -32.41 2.17
CA PRO C 126 4.62 -33.47 1.54
C PRO C 126 4.80 -33.45 0.02
N VAL C 127 6.01 -33.74 -0.42
CA VAL C 127 6.35 -33.60 -1.84
C VAL C 127 5.51 -34.47 -2.75
N GLY C 128 5.04 -35.62 -2.28
CA GLY C 128 4.13 -36.43 -3.08
C GLY C 128 2.78 -35.76 -3.28
N GLU C 129 2.23 -35.15 -2.22
CA GLU C 129 0.94 -34.47 -2.33
C GLU C 129 1.05 -33.21 -3.17
N ILE C 130 2.18 -32.50 -3.10
CA ILE C 130 2.36 -31.31 -3.93
C ILE C 130 2.43 -31.71 -5.41
N TYR C 131 3.23 -32.67 -5.71
CA TYR C 131 3.34 -33.13 -7.10
C TYR C 131 1.99 -33.65 -7.58
N LYS C 132 1.29 -34.45 -6.75
CA LYS C 132 -0.03 -34.95 -7.15
C LYS C 132 -0.98 -33.81 -7.52
N ARG C 133 -0.98 -32.71 -6.76
CA ARG C 133 -1.80 -31.54 -7.07
C ARG C 133 -1.48 -31.05 -8.49
N TRP C 134 -0.20 -30.92 -8.83
CA TRP C 134 0.16 -30.45 -10.17
C TRP C 134 -0.33 -31.43 -11.25
N ILE C 135 -0.14 -32.73 -11.01
CA ILE C 135 -0.59 -33.76 -11.94
C ILE C 135 -2.10 -33.71 -12.14
N ILE C 136 -2.85 -33.59 -11.07
CA ILE C 136 -4.31 -33.46 -11.18
C ILE C 136 -4.70 -32.21 -11.94
N LEU C 137 -4.01 -31.08 -11.75
CA LEU C 137 -4.29 -29.90 -12.54
CA LEU C 137 -4.31 -29.90 -12.55
C LEU C 137 -4.13 -30.19 -14.04
N GLY C 138 -3.04 -30.90 -14.38
CA GLY C 138 -2.82 -31.30 -15.74
C GLY C 138 -3.85 -32.26 -16.29
N LEU C 139 -4.22 -33.25 -15.50
CA LEU C 139 -5.25 -34.20 -15.93
C LEU C 139 -6.59 -33.52 -16.14
N ASN C 140 -6.91 -32.52 -15.32
CA ASN C 140 -8.16 -31.78 -15.54
C ASN C 140 -8.15 -31.09 -16.91
N LYS C 141 -7.01 -30.52 -17.32
CA LYS C 141 -6.89 -29.92 -18.65
C LYS C 141 -7.08 -30.96 -19.74
N ILE C 142 -6.52 -32.14 -19.52
CA ILE C 142 -6.66 -33.22 -20.49
C ILE C 142 -8.11 -33.69 -20.63
N VAL C 143 -8.81 -33.86 -19.52
CA VAL C 143 -10.20 -34.26 -19.55
C VAL C 143 -11.03 -33.27 -20.34
N ARG C 144 -10.82 -31.97 -20.07
CA ARG C 144 -11.55 -30.95 -20.83
CA ARG C 144 -11.55 -30.95 -20.83
C ARG C 144 -11.21 -31.02 -22.33
N MET C 145 -9.96 -31.29 -22.66
CA MET C 145 -9.56 -31.36 -24.07
C MET C 145 -10.17 -32.57 -24.76
N TYR C 146 -10.19 -33.71 -24.10
CA TYR C 146 -10.75 -34.92 -24.67
C TYR C 146 -12.27 -34.89 -24.73
N SER C 147 -12.95 -33.96 -24.06
CA SER C 147 -14.42 -33.98 -24.03
C SER C 147 -14.90 -33.66 -25.44
N PRO C 148 -15.75 -34.51 -26.06
CA PRO C 148 -16.06 -34.29 -27.47
C PRO C 148 -17.14 -33.25 -27.73
N THR C 149 -17.83 -32.74 -26.71
CA THR C 149 -19.02 -31.91 -26.97
C THR C 149 -19.10 -30.75 -25.98
N SER C 150 -19.56 -29.60 -26.46
CA SER C 150 -19.83 -28.45 -25.61
C SER C 150 -21.20 -28.58 -24.94
N ILE C 151 -21.33 -28.12 -23.68
CA ILE C 151 -22.62 -28.16 -22.98
C ILE C 151 -23.71 -27.44 -23.76
N LEU C 152 -23.36 -26.45 -24.57
CA LEU C 152 -24.34 -25.78 -25.44
C LEU C 152 -24.95 -26.72 -26.49
N ASP C 153 -24.29 -27.81 -26.85
CA ASP C 153 -24.81 -28.68 -27.88
C ASP C 153 -25.54 -29.88 -27.33
N ILE C 154 -25.79 -29.93 -26.03
CA ILE C 154 -26.49 -31.06 -25.41
C ILE C 154 -27.96 -30.66 -25.38
N ARG C 155 -28.76 -31.23 -26.27
CA ARG C 155 -30.16 -30.86 -26.38
C ARG C 155 -30.94 -32.15 -26.48
N GLN C 156 -32.05 -32.22 -25.76
CA GLN C 156 -32.80 -33.47 -25.71
C GLN C 156 -33.42 -33.82 -27.05
N GLY C 157 -33.28 -35.09 -27.39
CA GLY C 157 -33.83 -35.60 -28.62
C GLY C 157 -35.33 -35.72 -28.49
N PRO C 158 -36.04 -35.75 -29.61
CA PRO C 158 -37.52 -35.80 -29.54
C PRO C 158 -38.04 -37.10 -28.93
N LYS C 159 -37.28 -38.17 -29.04
CA LYS C 159 -37.66 -39.49 -28.52
C LYS C 159 -36.68 -39.92 -27.44
N GLU C 160 -35.95 -38.98 -26.87
CA GLU C 160 -34.94 -39.32 -25.89
C GLU C 160 -35.60 -39.24 -24.53
N PRO C 161 -35.55 -40.30 -23.73
CA PRO C 161 -36.00 -40.21 -22.34
C PRO C 161 -35.32 -39.06 -21.60
N PHE C 162 -36.08 -38.39 -20.74
CA PHE C 162 -35.50 -37.27 -20.03
C PHE C 162 -34.27 -37.67 -19.22
N ARG C 163 -34.32 -38.83 -18.54
CA ARG C 163 -33.20 -39.26 -17.73
C ARG C 163 -31.96 -39.45 -18.60
N ASP C 164 -32.14 -39.95 -19.84
CA ASP C 164 -30.99 -40.12 -20.72
C ASP C 164 -30.40 -38.74 -21.07
N TYR C 165 -31.25 -37.76 -21.35
CA TYR C 165 -30.77 -36.41 -21.61
C TYR C 165 -30.02 -35.80 -20.44
N VAL C 166 -30.56 -35.95 -19.22
CA VAL C 166 -29.90 -35.40 -18.05
C VAL C 166 -28.56 -36.08 -17.83
N ASP C 167 -28.50 -37.39 -18.11
CA ASP C 167 -27.24 -38.13 -18.03
C ASP C 167 -26.19 -37.50 -18.94
N ARG C 168 -26.58 -37.15 -20.16
CA ARG C 168 -25.65 -36.60 -21.15
C ARG C 168 -25.24 -35.22 -20.73
N PHE C 169 -26.22 -34.45 -20.23
CA PHE C 169 -25.95 -33.08 -19.81
C PHE C 169 -24.88 -33.04 -18.71
N TYR C 170 -25.08 -33.79 -17.63
CA TYR C 170 -24.12 -33.73 -16.51
C TYR C 170 -22.80 -34.45 -16.83
N LYS C 171 -22.83 -35.48 -17.66
CA LYS C 171 -21.55 -36.10 -18.19
C LYS C 171 -20.72 -35.04 -18.91
N THR C 172 -21.35 -34.22 -19.73
CA THR C 172 -20.65 -33.15 -20.45
C THR C 172 -20.18 -32.07 -19.50
N LEU C 173 -21.05 -31.69 -18.56
CA LEU C 173 -20.67 -30.60 -17.64
C LEU C 173 -19.52 -31.05 -16.74
N ARG C 174 -19.51 -32.32 -16.36
CA ARG C 174 -18.45 -32.90 -15.53
C ARG C 174 -17.09 -32.70 -16.19
N ALA C 175 -17.04 -32.80 -17.49
CA ALA C 175 -15.77 -32.76 -18.17
C ALA C 175 -15.30 -31.32 -18.38
N GLU C 176 -16.23 -30.37 -18.40
CA GLU C 176 -15.89 -28.99 -18.74
C GLU C 176 -15.34 -28.29 -17.53
N GLN C 177 -14.21 -27.62 -17.70
CA GLN C 177 -13.37 -27.16 -16.60
C GLN C 177 -13.79 -25.74 -16.21
N ALA C 178 -14.44 -25.63 -15.05
CA ALA C 178 -14.95 -24.37 -14.52
C ALA C 178 -15.24 -24.59 -13.05
N SER C 179 -15.41 -23.49 -12.31
CA SER C 179 -15.68 -23.62 -10.88
C SER C 179 -17.06 -24.22 -10.67
N GLN C 180 -17.20 -24.97 -9.58
CA GLN C 180 -18.49 -25.58 -9.26
C GLN C 180 -19.61 -24.54 -9.24
N GLU C 181 -19.28 -23.29 -8.85
CA GLU C 181 -20.27 -22.21 -8.92
C GLU C 181 -20.67 -21.92 -10.37
N VAL C 182 -19.68 -21.85 -11.26
CA VAL C 182 -19.94 -21.52 -12.66
C VAL C 182 -20.74 -22.63 -13.33
N LYS C 183 -20.52 -23.89 -12.91
CA LYS C 183 -21.28 -24.98 -13.52
C LYS C 183 -22.75 -24.93 -13.09
N ASN C 184 -23.01 -24.61 -11.81
CA ASN C 184 -24.38 -24.52 -11.33
C ASN C 184 -25.15 -23.41 -12.03
N ALA C 185 -24.48 -22.31 -12.35
CA ALA C 185 -25.11 -21.27 -13.15
C ALA C 185 -25.52 -21.81 -14.52
N ALA C 186 -24.63 -22.60 -15.16
CA ALA C 186 -24.92 -23.12 -16.48
C ALA C 186 -26.08 -24.10 -16.48
N THR C 187 -26.37 -24.75 -15.35
CA THR C 187 -27.35 -25.81 -15.37
C THR C 187 -28.78 -25.32 -15.40
N GLU C 188 -29.32 -24.92 -14.26
CA GLU C 188 -30.76 -24.70 -14.14
C GLU C 188 -31.30 -24.23 -15.48
N THR C 189 -30.81 -23.04 -15.89
CA THR C 189 -31.24 -22.39 -17.13
C THR C 189 -31.16 -23.32 -18.35
N LEU C 190 -29.93 -23.79 -18.68
CA LEU C 190 -29.69 -24.53 -19.94
CA LEU C 190 -29.70 -24.52 -19.94
C LEU C 190 -30.40 -25.87 -19.94
N LEU C 191 -30.40 -26.56 -18.80
CA LEU C 191 -31.04 -27.88 -18.75
C LEU C 191 -32.49 -27.81 -19.19
N VAL C 192 -33.29 -26.90 -18.59
CA VAL C 192 -34.68 -26.80 -19.03
C VAL C 192 -34.78 -26.20 -20.42
N GLN C 193 -33.99 -25.17 -20.70
CA GLN C 193 -34.08 -24.51 -22.01
C GLN C 193 -33.89 -25.48 -23.15
N ASN C 194 -33.07 -26.48 -22.97
CA ASN C 194 -32.73 -27.37 -24.07
C ASN C 194 -33.42 -28.70 -24.01
N ALA C 195 -34.37 -28.87 -23.10
CA ALA C 195 -35.26 -30.02 -23.13
C ALA C 195 -36.14 -29.97 -24.38
N ASN C 196 -36.72 -31.13 -24.76
CA ASN C 196 -37.60 -31.21 -25.89
C ASN C 196 -38.96 -30.62 -25.52
N PRO C 197 -39.79 -30.35 -26.51
CA PRO C 197 -41.03 -29.61 -26.27
C PRO C 197 -41.92 -30.20 -25.19
N ASP C 198 -42.12 -31.51 -25.19
CA ASP C 198 -43.00 -32.12 -24.21
C ASP C 198 -42.42 -32.02 -22.83
N CYS C 199 -41.14 -32.30 -22.70
CA CYS C 199 -40.54 -32.24 -21.36
C CYS C 199 -40.47 -30.79 -20.88
N LYS C 200 -40.16 -29.87 -21.80
CA LYS C 200 -40.01 -28.46 -21.43
C LYS C 200 -41.30 -27.87 -20.89
N THR C 201 -42.44 -28.16 -21.52
CA THR C 201 -43.71 -27.66 -20.98
C THR C 201 -43.90 -28.11 -19.54
N ILE C 202 -43.60 -29.37 -19.27
CA ILE C 202 -43.75 -29.90 -17.91
C ILE C 202 -42.81 -29.20 -16.95
N LEU C 203 -41.54 -29.06 -17.34
CA LEU C 203 -40.53 -28.49 -16.45
C LEU C 203 -40.83 -27.03 -16.13
N LYS C 204 -41.24 -26.25 -17.14
CA LYS C 204 -41.53 -24.86 -16.91
C LYS C 204 -42.78 -24.69 -16.08
N ALA C 205 -43.68 -25.68 -16.10
CA ALA C 205 -44.85 -25.59 -15.23
C ALA C 205 -44.44 -25.80 -13.77
N LEU C 206 -43.55 -26.77 -13.53
CA LEU C 206 -43.04 -27.00 -12.18
C LEU C 206 -42.35 -25.76 -11.64
N GLY C 207 -41.49 -25.16 -12.45
CA GLY C 207 -40.83 -23.93 -12.12
C GLY C 207 -39.47 -24.12 -11.48
N PRO C 208 -38.81 -23.01 -11.17
CA PRO C 208 -37.41 -23.09 -10.69
C PRO C 208 -37.26 -23.62 -9.26
N GLY C 209 -38.33 -23.69 -8.45
CA GLY C 209 -38.20 -24.36 -7.12
C GLY C 209 -38.12 -25.90 -7.16
N ALA C 210 -38.38 -26.54 -8.29
CA ALA C 210 -38.38 -27.99 -8.38
C ALA C 210 -37.02 -28.59 -8.17
N THR C 211 -37.00 -29.73 -7.48
CA THR C 211 -35.75 -30.47 -7.37
C THR C 211 -35.51 -31.26 -8.65
N LEU C 212 -34.25 -31.72 -8.84
CA LEU C 212 -34.02 -32.59 -9.99
C LEU C 212 -34.89 -33.85 -9.90
N GLU C 213 -35.01 -34.42 -8.70
CA GLU C 213 -35.86 -35.60 -8.52
C GLU C 213 -37.29 -35.30 -9.00
N GLU C 214 -37.83 -34.17 -8.57
CA GLU C 214 -39.18 -33.83 -8.97
C GLU C 214 -39.29 -33.67 -10.47
N MET C 215 -38.30 -33.01 -11.08
CA MET C 215 -38.28 -32.85 -12.53
C MET C 215 -38.25 -34.20 -13.25
N MET C 216 -37.38 -35.09 -12.78
CA MET C 216 -37.20 -36.38 -13.45
C MET C 216 -38.43 -37.25 -13.27
N THR C 217 -39.01 -37.28 -12.08
CA THR C 217 -40.26 -38.01 -11.87
C THR C 217 -41.38 -37.46 -12.77
N ALA C 218 -41.49 -36.14 -12.87
CA ALA C 218 -42.55 -35.54 -13.69
C ALA C 218 -42.41 -35.89 -15.18
N CYS C 219 -41.20 -36.09 -15.68
CA CYS C 219 -40.94 -36.35 -17.09
C CYS C 219 -40.82 -37.84 -17.43
N GLN C 220 -41.04 -38.73 -16.48
CA GLN C 220 -40.82 -40.17 -16.70
C GLN C 220 -41.82 -40.75 -17.74
C1 EDO D . -2.28 22.30 5.83
O1 EDO D . -2.96 22.67 4.61
C2 EDO D . -3.11 22.46 7.12
O2 EDO D . -4.20 21.50 7.21
H11 EDO D . -1.96 21.27 5.75
H12 EDO D . -1.38 22.93 5.93
HO1 EDO D . -2.30 22.93 3.94
H21 EDO D . -2.46 22.33 7.98
H22 EDO D . -3.52 23.46 7.16
HO2 EDO D . -4.65 21.60 8.06
C1 EDO E . -10.58 4.77 6.51
O1 EDO E . -11.08 3.83 7.50
C2 EDO E . -11.63 4.93 5.40
O2 EDO E . -12.64 5.85 5.83
H11 EDO E . -10.38 5.74 6.97
H12 EDO E . -9.65 4.40 6.09
HO1 EDO E . -10.44 3.73 8.20
H21 EDO E . -11.15 5.30 4.49
H22 EDO E . -12.08 3.96 5.18
HO2 EDO E . -13.33 5.88 5.16
C1 EDO F . -7.64 38.11 18.51
O1 EDO F . -6.43 37.41 18.15
C2 EDO F . -8.59 38.04 17.33
O2 EDO F . -8.63 36.68 16.90
H11 EDO F . -8.09 37.64 19.38
H12 EDO F . -7.41 39.15 18.76
HO1 EDO F . -5.83 37.41 18.89
H21 EDO F . -8.25 38.69 16.52
H22 EDO F . -9.59 38.38 17.62
HO2 EDO F . -9.26 36.58 16.17
C13 Y05 G . 2.35 49.31 6.13
C15 Y05 G . 1.78 48.08 4.15
C21 Y05 G . -0.52 44.44 3.36
C22 Y05 G . -1.36 43.39 2.75
C24 Y05 G . -2.01 42.01 0.91
C26 Y05 G . -3.03 41.49 1.72
C01 Y05 G . 6.98 53.05 3.42
C02 Y05 G . 6.78 51.53 3.23
C04 Y05 G . 5.46 51.21 3.96
C06 Y05 G . 5.21 49.57 2.17
C07 Y05 G . 6.60 49.94 1.65
C09 Y05 G . 6.79 49.77 0.18
C11 Y05 G . 3.81 49.41 4.22
C12 Y05 G . 3.52 49.76 5.50
C14 Y05 G . 1.47 48.48 5.43
C16 Y05 G . 2.94 48.58 3.53
C18 Y05 G . -0.22 46.81 3.95
C19 Y05 G . -1.09 45.86 3.15
C23 Y05 G . -1.14 42.96 1.45
C27 Y05 G . -3.21 41.93 3.00
C29 Y05 G . -2.41 42.89 3.54
C31 Y05 G . -2.13 46.86 1.16
C33 Y05 G . -1.97 47.08 -0.32
C36 Y05 G . -5.00 47.93 -1.89
C37 Y05 G . -5.84 48.96 -2.54
C40 Y05 G . -5.26 46.59 -1.73
C41 Y05 G . -6.29 45.49 -1.99
C43 Y05 G . -5.83 44.34 -2.86
C44 Y05 G . -5.55 44.21 -1.42
C46 Y05 G . -4.18 44.61 -0.83
C49 Y05 G . -4.15 46.05 -1.10
C51 Y05 G . -1.80 46.67 5.85
C52 Y05 G . -1.97 45.49 6.49
C53 Y05 G . -3.24 45.06 6.94
C54 Y05 G . -4.30 45.89 6.78
C56 Y05 G . -4.20 47.08 6.09
C57 Y05 G . -5.10 48.13 5.73
C60 Y05 G . -7.09 50.72 6.01
C65 Y05 G . -2.18 49.55 4.37
C66 Y05 G . -2.95 47.50 5.63
C67 Y05 G . 0.25 47.97 6.04
F25 Y05 G . -1.88 41.60 -0.33
F28 Y05 G . -4.23 41.39 3.73
F38 Y05 G . -5.02 49.87 -3.16
F39 Y05 G . -6.30 48.56 -3.73
F47 Y05 G . -4.13 44.35 0.43
F48 Y05 G . -3.16 43.98 -1.46
N05 Y05 G . 4.99 49.90 3.54
N17 Y05 G . 0.86 47.27 3.42
N30 Y05 G . -1.09 46.21 1.81
N34 Y05 G . -3.30 47.07 -0.94
N35 Y05 G . -3.84 48.27 -1.41
N50 Y05 G . -0.56 47.17 5.25
N58 Y05 G . -6.45 48.07 6.10
N63 Y05 G . -4.53 49.11 5.08
N64 Y05 G . -3.17 48.70 5.01
O10 Y05 G . 6.78 51.32 1.89
O32 Y05 G . -3.09 47.27 1.85
O61 Y05 G . -8.79 48.70 5.82
O62 Y05 G . -7.29 49.29 3.89
O68 Y05 G . -0.05 48.18 7.17
S59 Y05 G . -7.47 49.13 5.32
CL55 Y05 G . -5.83 45.22 7.31
H80 Y05 G . 2.18 49.57 7.01
H83 Y05 G . 0.35 44.36 3.01
H82 Y05 G . -0.42 44.25 4.29
H85 Y05 G . -3.59 40.84 1.39
H71 Y05 G . 7.81 53.32 3.05
H70 Y05 G . 6.98 53.27 4.32
H69 Y05 G . 6.30 53.52 2.99
H03 Y05 G . 7.46 50.98 3.56
H72 Y05 G . 5.60 51.23 4.89
H73 Y05 G . 4.83 51.87 3.75
H74 Y05 G . 5.09 48.65 2.05
H75 Y05 G . 4.57 50.01 1.64
H08 Y05 G . 7.25 49.40 2.08
H77 Y05 G . 6.37 50.47 -0.28
H78 Y05 G . 6.42 48.96 -0.10
H76 Y05 G . 7.71 49.77 -0.03
H79 Y05 G . 4.11 50.30 5.97
H81 Y05 G . 3.13 48.35 2.66
H20 Y05 G . -1.96 46.05 3.45
H84 Y05 G . -0.43 43.30 0.94
H86 Y05 G . -2.56 43.20 4.40
H89 Y05 G . -1.55 47.90 -0.49
H88 Y05 G . -1.44 46.41 -0.70
H90 Y05 G . -6.48 49.27 -1.94
H42 Y05 G . -7.19 45.62 -1.76
H92 Y05 G . -5.10 44.50 -3.44
H91 Y05 G . -6.49 43.80 -3.23
H45 Y05 G . -6.06 43.62 -0.89
H93 Y05 G . -1.23 44.94 6.65
H94 Y05 G . -3.33 44.22 7.33
H96 Y05 G . -7.72 51.36 5.64
H97 Y05 G . -6.18 50.93 5.76
H98 Y05 G . -7.18 50.65 6.98
H101 Y05 G . -2.62 50.39 4.11
H99 Y05 G . -1.84 49.09 3.58
H100 Y05 G . -1.47 49.72 5.00
H87 Y05 G . -0.38 46.00 1.34
H95 Y05 G . -6.62 47.97 6.96
C1 EDO H . 14.99 2.38 -7.15
O1 EDO H . 13.77 3.11 -7.28
C2 EDO H . 15.87 3.19 -6.26
O2 EDO H . 16.35 4.34 -6.96
H11 EDO H . 14.82 1.39 -6.74
H12 EDO H . 15.47 2.25 -8.13
HO1 EDO H . 13.18 2.64 -7.88
H21 EDO H . 15.32 3.49 -5.37
H22 EDO H . 16.72 2.58 -5.93
HO2 EDO H . 16.96 4.83 -6.39
C1 EDO I . -4.09 19.30 -2.00
O1 EDO I . -3.98 18.17 -2.85
C2 EDO I . -2.82 19.39 -1.16
O2 EDO I . -1.70 19.11 -2.01
H11 EDO I . -4.96 19.21 -1.35
H12 EDO I . -4.20 20.21 -2.60
HO1 EDO I . -4.84 17.93 -3.17
H21 EDO I . -2.86 18.67 -0.34
H22 EDO I . -2.72 20.38 -0.72
HO2 EDO I . -0.89 19.03 -1.48
C13 Y05 J . -0.97 20.97 13.57
C15 Y05 J . -1.02 20.36 11.23
C21 Y05 J . 0.12 16.78 9.03
C22 Y05 J . 0.18 15.64 8.03
C24 Y05 J . 0.15 14.83 5.77
C26 Y05 J . 0.21 13.53 6.27
C01 Y05 J . -1.87 27.37 12.91
C02 Y05 J . -0.90 26.45 12.15
C04 Y05 J . -1.28 25.02 12.46
C06 Y05 J . -0.62 24.44 10.20
C07 Y05 J . -0.33 25.89 9.93
C09 Y05 J . -0.56 26.22 8.48
C11 Y05 J . -0.77 22.67 11.86
C12 Y05 J . -0.79 22.29 13.19
C14 Y05 J . -1.06 20.00 12.57
C16 Y05 J . -0.85 21.69 10.84
C18 Y05 J . -1.30 18.12 10.54
C19 Y05 J . -1.34 17.12 9.40
C23 Y05 J . 0.13 15.89 6.66
C27 Y05 J . 0.21 13.31 7.61
C29 Y05 J . 0.19 14.33 8.54
C31 Y05 J . -3.33 17.28 8.01
C33 Y05 J . -3.84 17.89 6.74
C36 Y05 J . -6.86 16.34 5.75
C37 Y05 J . -8.36 16.39 5.70
C40 Y05 J . -5.98 15.37 5.26
C41 Y05 J . -5.83 14.02 4.56
C43 Y05 J . -5.11 14.00 3.24
C44 Y05 J . -4.31 13.79 4.48
C46 Y05 J . -3.57 14.96 5.16
C49 Y05 J . -4.71 15.81 5.61
C51 Y05 J . -1.56 16.32 12.18
C52 Y05 J . -0.54 15.36 12.28
C53 Y05 J . -0.83 13.99 12.48
C54 Y05 J . -2.11 13.60 12.67
C56 Y05 J . -3.14 14.51 12.57
C57 Y05 J . -4.53 14.39 12.67
C60 Y05 J . -7.58 14.06 13.96
C65 Y05 J . -4.44 17.82 12.07
C66 Y05 J . -2.89 15.86 12.35
C67 Y05 J . -1.24 18.58 12.93
F25 Y05 J . 0.09 15.11 4.48
F28 Y05 J . 0.26 12.03 8.05
F38 Y05 J . -8.80 17.53 5.11
F39 Y05 J . -8.72 15.59 4.68
F47 Y05 J . -2.87 14.52 6.18
F48 Y05 J . -2.76 15.65 4.33
N05 Y05 J . -0.61 24.06 11.56
N17 Y05 J . -1.11 19.38 10.21
N30 Y05 J . -2.05 17.67 8.31
N34 Y05 J . -4.87 17.02 6.19
N35 Y05 J . -6.20 17.34 6.36
N50 Y05 J . -1.32 17.71 11.87
N58 Y05 J . -5.18 13.20 12.96
N63 Y05 J . -5.18 15.54 12.49
N64 Y05 J . -4.14 16.43 12.26
O10 Y05 J . -1.11 26.73 10.79
O32 Y05 J . -4.03 16.52 8.75
O61 Y05 J . -7.13 11.69 12.96
O62 Y05 J . -7.26 13.73 11.43
O68 Y05 J . -1.29 18.16 14.06
S59 Y05 J . -6.83 13.10 12.68
CL55 Y05 J . -2.36 11.92 12.86
H80 Y05 J . -1.04 20.75 14.47
H83 Y05 J . 0.56 17.52 8.67
H82 Y05 J . 0.62 16.53 9.79
H85 Y05 J . 0.25 12.80 5.68
H71 Y05 J . -1.63 28.26 12.79
H70 Y05 J . -1.85 27.18 13.82
H69 Y05 J . -2.75 27.24 12.59
H03 Y05 J . 0.00 26.61 12.36
H72 Y05 J . -1.05 24.83 13.36
H73 Y05 J . -2.22 24.93 12.39
H74 Y05 J . 0.02 23.92 9.75
H75 Y05 J . -1.46 24.23 9.84
H08 Y05 J . 0.57 26.09 10.11
H77 Y05 J . -1.49 26.23 8.30
H78 Y05 J . -0.16 25.57 7.93
H76 Y05 J . -0.20 27.06 8.28
H79 Y05 J . -0.67 22.93 13.85
H81 Y05 J . -0.80 21.93 9.95
H20 Y05 J . -1.88 16.41 9.71
H84 Y05 J . 0.12 16.76 6.34
H86 Y05 J . 0.19 14.16 9.45
H89 Y05 J . -4.20 18.74 6.89
H88 Y05 J . -3.14 17.98 6.11
H90 Y05 J . -8.76 16.24 6.53
H42 Y05 J . -6.34 13.28 4.85
H92 Y05 J . -5.01 14.81 2.78
H91 Y05 J . -5.24 13.26 2.67
H45 Y05 J . -3.98 12.93 4.69
H93 Y05 J . 0.35 15.63 12.22
H94 Y05 J . -0.13 13.36 12.49
H96 Y05 J . -8.53 13.93 13.89
H97 Y05 J . -7.33 14.99 13.82
H98 Y05 J . -7.23 13.74 14.81
H101 Y05 J . -5.39 17.94 12.22
H99 Y05 J . -4.20 18.06 11.16
H100 Y05 J . -3.92 18.34 12.71
H87 Y05 J . -1.67 18.27 7.81
H95 Y05 J . -4.92 12.81 13.72
C1 EDO K . -18.59 -39.00 -16.54
O1 EDO K . -19.76 -39.56 -17.11
C2 EDO K . -18.49 -39.52 -15.12
O2 EDO K . -18.65 -40.94 -15.10
H11 EDO K . -17.71 -39.28 -17.12
H12 EDO K . -18.64 -37.90 -16.54
HO1 EDO K . -19.69 -39.55 -18.07
H21 EDO K . -17.52 -39.25 -14.70
H22 EDO K . -19.26 -39.06 -14.51
HO2 EDO K . -18.54 -41.26 -14.20
C1 EDO L . 2.64 -25.31 -5.69
O1 EDO L . 1.36 -25.98 -5.71
C2 EDO L . 2.71 -24.06 -6.59
O2 EDO L . 2.23 -24.30 -7.93
H11 EDO L . 2.86 -25.00 -4.66
H12 EDO L . 3.42 -26.02 -6.00
HO1 EDO L . 1.43 -26.83 -5.25
H21 EDO L . 3.75 -23.74 -6.64
H22 EDO L . 2.13 -23.27 -6.14
HO2 EDO L . 2.36 -23.50 -8.47
C13 Y05 M . 12.91 -39.63 -13.23
C15 Y05 M . 11.24 -40.37 -14.85
C21 Y05 M . 7.31 -38.92 -15.90
C22 Y05 M . 6.08 -38.51 -16.65
C24 Y05 M . 4.29 -38.98 -18.18
C26 Y05 M . 3.80 -37.68 -18.08
C01 Y05 M . 16.55 -45.19 -13.76
C02 Y05 M . 15.04 -45.01 -13.56
C04 Y05 M . 14.69 -43.54 -13.71
C06 Y05 M . 12.62 -44.36 -14.72
C07 Y05 M . 13.13 -45.77 -14.49
C09 Y05 M . 12.58 -46.77 -15.51
C11 Y05 M . 12.80 -42.00 -13.97
C12 Y05 M . 13.36 -40.99 -13.18
C14 Y05 M . 11.83 -39.35 -14.09
C16 Y05 M . 11.73 -41.70 -14.80
C18 Y05 M . 9.74 -38.83 -15.81
C19 Y05 M . 8.57 -38.59 -16.68
C23 Y05 M . 5.40 -39.37 -17.50
C27 Y05 M . 4.42 -36.85 -17.22
C29 Y05 M . 5.58 -37.20 -16.53
C31 Y05 M . 8.99 -38.85 -19.11
C33 Y05 M . 8.88 -39.83 -20.25
C36 Y05 M . 9.13 -38.21 -23.39
C37 Y05 M . 9.94 -37.83 -24.61
C40 Y05 M . 7.84 -37.89 -23.16
C41 Y05 M . 6.62 -37.18 -23.67
C43 Y05 M . 5.46 -38.07 -23.94
C44 Y05 M . 5.55 -37.46 -22.57
C46 Y05 M . 6.18 -38.25 -21.40
C49 Y05 M . 7.58 -38.44 -21.92
C51 Y05 M . 9.81 -36.42 -15.19
C52 Y05 M . 8.74 -35.87 -14.48
C53 Y05 M . 8.30 -34.57 -14.76
C54 Y05 M . 8.89 -33.82 -15.72
C56 Y05 M . 9.98 -34.30 -16.45
C57 Y05 M . 10.81 -33.82 -17.49
C60 Y05 M . 13.13 -32.10 -19.03
C65 Y05 M . 12.29 -36.97 -17.26
C66 Y05 M . 10.41 -35.60 -16.20
C67 Y05 M . 11.31 -37.98 -14.18
F25 Y05 M . 3.67 -39.80 -18.99
F28 Y05 M . 3.95 -35.55 -17.07
F38 Y05 M . 11.07 -38.57 -24.68
F39 Y05 M . 9.30 -38.31 -25.67
F47 Y05 M . 6.13 -37.56 -20.25
F48 Y05 M . 5.62 -39.46 -21.24
N05 Y05 M . 13.25 -43.34 -13.94
N17 Y05 M . 10.19 -40.07 -15.72
N30 Y05 M . 8.61 -39.37 -17.89
N34 Y05 M . 8.65 -39.14 -21.53
N35 Y05 M . 9.71 -38.95 -22.41
N50 Y05 M . 10.28 -37.75 -15.06
N58 Y05 M . 10.65 -32.52 -17.92
N63 Y05 M . 11.74 -34.66 -17.93
N64 Y05 M . 11.46 -35.77 -17.11
O10 Y05 M . 14.51 -45.77 -14.58
O32 Y05 M . 9.35 -37.69 -19.27
O61 Y05 M . 10.93 -30.78 -19.64
O62 Y05 M . 11.15 -33.07 -20.39
O68 Y05 M . 11.78 -37.07 -13.53
S59 Y05 M . 11.40 -32.13 -19.35
CL55 Y05 M . 8.21 -32.25 -15.98
H80 Y05 M . 13.33 -38.98 -12.72
H83 Y05 M . 7.26 -39.85 -15.72
H82 Y05 M . 7.31 -38.51 -15.05
H85 Y05 M . 3.08 -37.41 -18.58
H71 Y05 M . 16.80 -46.08 -13.58
H70 Y05 M . 17.03 -44.63 -13.17
H69 Y05 M . 16.80 -44.98 -14.64
H03 Y05 M . 14.73 -45.32 -12.72
H72 Y05 M . 14.94 -43.08 -12.93
H73 Y05 M . 15.17 -43.18 -14.43
H74 Y05 M . 11.70 -44.35 -14.56
H75 Y05 M . 12.75 -44.16 -15.64
H08 Y05 M . 12.87 -46.08 -13.64
H77 Y05 M . 13.05 -46.68 -16.32
H78 Y05 M . 11.67 -46.59 -15.66
H76 Y05 M . 12.67 -47.64 -15.19
H79 Y05 M . 14.05 -41.20 -12.60
H81 Y05 M . 11.33 -42.37 -15.32
H20 Y05 M . 8.73 -37.70 -16.96
H84 Y05 M . 5.70 -40.24 -17.61
H86 Y05 M . 6.00 -36.57 -16.01
H89 Y05 M . 9.66 -40.34 -20.31
H88 Y05 M . 8.16 -40.42 -20.11
H90 Y05 M . 10.13 -36.92 -24.66
H42 Y05 M . 6.68 -36.28 -23.97
H92 Y05 M . 5.63 -38.99 -24.02
H91 Y05 M . 4.79 -37.75 -24.51
H45 Y05 M . 5.00 -36.76 -22.31
H93 Y05 M . 8.31 -36.36 -13.81
H94 Y05 M . 7.58 -34.23 -14.29
H96 Y05 M . 13.58 -32.01 -19.88
H97 Y05 M . 13.37 -32.95 -18.61
H98 Y05 M . 13.32 -31.36 -18.44
H101 Y05 M . 12.98 -36.77 -17.91
H99 Y05 M . 11.71 -37.68 -17.58
H100 Y05 M . 12.67 -37.18 -16.40
H87 Y05 M . 8.38 -40.20 -17.85
H95 Y05 M . 10.68 -31.89 -17.29
#